data_7F6P
#
_entry.id   7F6P
#
_cell.length_a   45.310
_cell.length_b   146.260
_cell.length_c   79.090
_cell.angle_alpha   90.000
_cell.angle_beta   99.890
_cell.angle_gamma   90.000
#
_symmetry.space_group_name_H-M   'P 1 21 1'
#
loop_
_entity.id
_entity.type
_entity.pdbx_description
1 polymer 'Iron ABC transporter, periplasmic iron-binding protein'
2 non-polymer 'CITRIC ACID'
3 non-polymer 1,2-ETHANEDIOL
4 non-polymer 1,3-PROPANDIOL
5 non-polymer R-1,2-PROPANEDIOL
6 non-polymer 'CARBON DIOXIDE'
7 water water
#
_entity_poly.entity_id   1
_entity_poly.type   'polypeptide(L)'
_entity_poly.pdbx_seq_one_letter_code
;MMQQSRPASDPQVVEAARKEGRLIIYSSTAQSSAQALLDDFRKLYPFIQIEYNDLGTQAIYDRFVSETAAGASSADLLWS
SAMELQVKLASEGYALPYDSPEAKNWPANARLGNLAYSTTLEPAVVVYNKRFLKPEEVPTTREGLARLLQEPRMRGRVAT
WDPERSAVGFTILKADYDRFPAFQELARAFGKAQAALYSSTGAAFEKVISGEHYLAYGFFGSYALLRQRTVKDLGIAYLT
DGTVAIQRVAFINKRAAHPNAAKLFLDYLLSLRGQNLMAYTALIFARRETVVGEATPQALYKAVGGKDKVYAIPVSTEIL
KNLDPAERMRFLTFWRQAVRGQ
;
_entity_poly.pdbx_strand_id   A,B,C
#
# COMPACT_ATOMS: atom_id res chain seq x y z
N SER A 5 4.93 -3.23 -35.30
CA SER A 5 3.44 -3.03 -35.22
C SER A 5 3.09 -1.56 -35.54
N ARG A 6 1.78 -1.22 -35.60
CA ARG A 6 1.27 0.17 -35.85
C ARG A 6 0.36 0.62 -34.70
N PRO A 7 0.59 1.78 -34.06
CA PRO A 7 -0.32 2.27 -33.00
C PRO A 7 -1.76 2.24 -33.48
N ALA A 8 -2.69 1.99 -32.55
CA ALA A 8 -4.14 1.83 -32.84
C ALA A 8 -4.75 3.24 -32.85
N SER A 9 -4.10 4.26 -33.38
CA SER A 9 -4.76 5.57 -33.59
C SER A 9 -5.88 5.37 -34.65
N ASP A 10 -7.05 5.97 -34.41
CA ASP A 10 -8.26 5.92 -35.27
C ASP A 10 -7.86 6.38 -36.68
N PRO A 11 -8.32 5.71 -37.75
CA PRO A 11 -8.07 6.19 -39.13
C PRO A 11 -8.44 7.67 -39.39
N GLN A 12 -9.55 8.18 -38.85
CA GLN A 12 -9.96 9.61 -39.02
C GLN A 12 -8.94 10.55 -38.38
N VAL A 13 -8.29 10.15 -37.28
CA VAL A 13 -7.23 10.94 -36.59
C VAL A 13 -6.01 10.95 -37.48
N VAL A 14 -5.66 9.82 -38.08
CA VAL A 14 -4.48 9.73 -39.01
C VAL A 14 -4.70 10.71 -40.17
N GLU A 15 -5.90 10.75 -40.75
CA GLU A 15 -6.18 11.59 -41.93
C GLU A 15 -6.22 13.06 -41.52
N ALA A 16 -6.77 13.39 -40.36
CA ALA A 16 -6.77 14.76 -39.83
C ALA A 16 -5.33 15.17 -39.56
N ALA A 17 -4.48 14.26 -39.10
CA ALA A 17 -3.05 14.59 -38.86
C ALA A 17 -2.34 14.85 -40.19
N ARG A 18 -2.68 14.10 -41.22
CA ARG A 18 -2.07 14.32 -42.56
C ARG A 18 -2.38 15.74 -43.04
N LYS A 19 -3.59 16.25 -42.79
CA LYS A 19 -3.98 17.62 -43.22
C LYS A 19 -3.16 18.64 -42.45
N GLU A 20 -2.86 18.37 -41.16
CA GLU A 20 -2.05 19.27 -40.32
C GLU A 20 -0.61 19.25 -40.82
N GLY A 21 -0.03 18.06 -41.03
CA GLY A 21 1.29 17.92 -41.68
C GLY A 21 2.45 18.26 -40.78
N ARG A 22 2.21 18.58 -39.50
CA ARG A 22 3.24 19.23 -38.64
C ARG A 22 2.95 18.88 -37.20
N LEU A 23 4.00 18.79 -36.38
CA LEU A 23 3.90 18.52 -34.94
C LEU A 23 4.97 19.34 -34.22
N ILE A 24 4.57 20.14 -33.26
CA ILE A 24 5.52 20.93 -32.41
C ILE A 24 5.54 20.31 -31.03
N ILE A 25 6.71 19.86 -30.60
CA ILE A 25 6.86 19.23 -29.25
C ILE A 25 7.69 20.15 -28.37
N TYR A 26 7.24 20.47 -27.17
CA TYR A 26 8.17 20.94 -26.12
C TYR A 26 8.49 19.78 -25.22
N SER A 27 9.75 19.39 -25.12
CA SER A 27 10.14 18.21 -24.34
C SER A 27 11.36 18.51 -23.48
N SER A 28 11.43 17.94 -22.29
CA SER A 28 12.67 17.94 -21.48
C SER A 28 13.55 16.74 -21.87
N THR A 29 13.03 15.82 -22.67
CA THR A 29 13.74 14.56 -22.92
C THR A 29 14.91 14.88 -23.85
N ALA A 30 16.13 14.64 -23.40
CA ALA A 30 17.35 14.88 -24.19
C ALA A 30 17.12 14.42 -25.65
N GLN A 31 17.40 15.28 -26.61
CA GLN A 31 17.34 14.89 -28.05
C GLN A 31 18.15 13.63 -28.29
N SER A 32 19.28 13.45 -27.61
CA SER A 32 20.11 12.23 -27.78
C SER A 32 19.31 10.98 -27.44
N SER A 33 18.46 11.02 -26.44
CA SER A 33 17.59 9.90 -25.99
C SER A 33 16.34 9.80 -26.89
N ALA A 34 15.76 10.92 -27.35
CA ALA A 34 14.46 10.94 -28.03
C ALA A 34 14.61 10.62 -29.54
N GLN A 35 15.81 10.75 -30.09
CA GLN A 35 16.00 10.83 -31.56
C GLN A 35 15.53 9.54 -32.20
N ALA A 36 15.83 8.37 -31.65
CA ALA A 36 15.32 7.12 -32.24
C ALA A 36 13.79 7.08 -32.23
N LEU A 37 13.13 7.65 -31.24
CA LEU A 37 11.63 7.69 -31.24
C LEU A 37 11.13 8.62 -32.35
N LEU A 38 11.76 9.78 -32.53
CA LEU A 38 11.33 10.76 -33.58
C LEU A 38 11.50 10.12 -34.96
N ASP A 39 12.63 9.44 -35.18
CA ASP A 39 13.00 8.79 -36.47
C ASP A 39 11.99 7.68 -36.73
N ASP A 40 11.65 6.84 -35.73
CA ASP A 40 10.68 5.73 -35.95
C ASP A 40 9.30 6.33 -36.20
N PHE A 41 8.92 7.36 -35.47
CA PHE A 41 7.60 8.02 -35.71
C PHE A 41 7.54 8.51 -37.17
N ARG A 42 8.59 9.16 -37.68
CA ARG A 42 8.64 9.67 -39.09
C ARG A 42 8.57 8.49 -40.06
N LYS A 43 9.13 7.30 -39.75
CA LYS A 43 8.95 6.10 -40.62
C LYS A 43 7.48 5.70 -40.70
N LEU A 44 6.79 5.71 -39.57
CA LEU A 44 5.33 5.43 -39.43
C LEU A 44 4.51 6.46 -40.21
N TYR A 45 4.85 7.73 -40.07
CA TYR A 45 4.03 8.85 -40.60
C TYR A 45 4.95 9.81 -41.32
N PRO A 46 5.43 9.49 -42.55
CA PRO A 46 6.41 10.33 -43.24
C PRO A 46 5.84 11.72 -43.59
N PHE A 47 4.53 11.87 -43.61
CA PHE A 47 3.83 13.13 -43.99
C PHE A 47 3.70 14.10 -42.80
N ILE A 48 4.29 13.78 -41.63
CA ILE A 48 4.29 14.71 -40.46
C ILE A 48 5.69 15.27 -40.28
N GLN A 49 5.89 16.58 -40.47
CA GLN A 49 7.20 17.24 -40.12
C GLN A 49 7.22 17.47 -38.60
N ILE A 50 8.25 17.00 -37.90
CA ILE A 50 8.38 17.21 -36.44
C ILE A 50 9.28 18.39 -36.16
N GLU A 51 8.85 19.29 -35.28
CA GLU A 51 9.74 20.30 -34.64
C GLU A 51 9.92 19.93 -33.15
N TYR A 52 11.10 19.46 -32.83
CA TYR A 52 11.45 18.97 -31.48
C TYR A 52 12.20 20.07 -30.78
N ASN A 53 11.62 20.60 -29.71
CA ASN A 53 12.25 21.64 -28.87
C ASN A 53 12.69 20.96 -27.58
N ASP A 54 13.98 20.75 -27.43
CA ASP A 54 14.63 20.17 -26.23
C ASP A 54 14.86 21.31 -25.24
N LEU A 55 14.08 21.41 -24.17
CA LEU A 55 14.05 22.60 -23.28
C LEU A 55 14.12 22.21 -21.81
N GLY A 56 14.53 23.11 -20.93
CA GLY A 56 14.57 22.75 -19.49
C GLY A 56 13.14 22.64 -18.94
N THR A 57 12.96 21.93 -17.85
CA THR A 57 11.63 21.61 -17.31
C THR A 57 10.93 22.90 -16.86
N GLN A 58 11.63 23.74 -16.12
CA GLN A 58 11.05 25.05 -15.72
C GLN A 58 10.74 25.91 -16.96
N ALA A 59 11.63 25.99 -17.95
CA ALA A 59 11.44 26.79 -19.19
C ALA A 59 10.24 26.28 -19.98
N ILE A 60 10.02 24.96 -20.10
CA ILE A 60 8.79 24.47 -20.80
C ILE A 60 7.55 25.10 -20.15
N TYR A 61 7.48 25.06 -18.85
CA TYR A 61 6.28 25.49 -18.08
C TYR A 61 6.09 27.00 -18.30
N ASP A 62 7.15 27.78 -18.09
CA ASP A 62 7.12 29.27 -18.22
C ASP A 62 6.72 29.67 -19.65
N ARG A 63 7.37 29.12 -20.67
CA ARG A 63 7.16 29.47 -22.08
C ARG A 63 5.73 29.05 -22.51
N PHE A 64 5.28 27.86 -22.12
CA PHE A 64 3.92 27.39 -22.49
C PHE A 64 2.87 28.34 -21.87
N VAL A 65 3.02 28.67 -20.60
CA VAL A 65 2.12 29.57 -19.84
C VAL A 65 2.11 30.97 -20.51
N SER A 66 3.27 31.55 -20.84
CA SER A 66 3.41 32.88 -21.48
C SER A 66 2.76 32.88 -22.85
N GLU A 67 3.08 31.89 -23.68
CA GLU A 67 2.59 31.79 -25.07
C GLU A 67 1.06 31.66 -24.99
N THR A 68 0.55 30.82 -24.10
CA THR A 68 -0.91 30.61 -23.99
C THR A 68 -1.59 31.92 -23.55
N ALA A 69 -1.02 32.66 -22.60
CA ALA A 69 -1.61 33.92 -22.10
C ALA A 69 -1.60 34.98 -23.24
N ALA A 70 -0.57 35.01 -24.09
CA ALA A 70 -0.44 36.02 -25.17
C ALA A 70 -1.28 35.58 -26.35
N GLY A 71 -1.89 34.39 -26.31
CA GLY A 71 -2.72 33.90 -27.42
C GLY A 71 -1.86 33.37 -28.57
N ALA A 72 -0.55 33.21 -28.35
CA ALA A 72 0.46 32.95 -29.40
C ALA A 72 0.50 31.46 -29.79
N SER A 73 1.10 31.19 -30.93
CA SER A 73 1.43 29.81 -31.43
C SER A 73 2.29 29.15 -30.36
N SER A 74 1.88 27.96 -29.88
CA SER A 74 2.66 27.19 -28.88
C SER A 74 2.78 25.74 -29.33
N ALA A 75 3.14 24.88 -28.40
CA ALA A 75 3.41 23.44 -28.66
C ALA A 75 2.10 22.72 -28.96
N ASP A 76 2.16 21.65 -29.74
CA ASP A 76 1.05 20.68 -29.89
C ASP A 76 1.07 19.73 -28.70
N LEU A 77 2.27 19.34 -28.27
CA LEU A 77 2.45 18.30 -27.23
C LEU A 77 3.57 18.73 -26.29
N LEU A 78 3.34 18.55 -25.01
CA LEU A 78 4.34 18.79 -23.94
C LEU A 78 4.73 17.45 -23.34
N TRP A 79 6.03 17.22 -23.17
CA TRP A 79 6.56 15.94 -22.65
C TRP A 79 7.67 16.28 -21.65
N SER A 80 7.49 16.03 -20.36
CA SER A 80 8.43 16.56 -19.33
C SER A 80 8.46 15.66 -18.13
N SER A 81 9.64 15.58 -17.55
CA SER A 81 9.95 14.83 -16.32
C SER A 81 9.54 15.61 -15.07
N ALA A 82 9.21 16.90 -15.20
CA ALA A 82 8.80 17.71 -14.03
C ALA A 82 7.33 17.43 -13.78
N MET A 83 7.07 16.35 -13.11
CA MET A 83 5.72 15.75 -13.01
C MET A 83 4.78 16.75 -12.37
N GLU A 84 5.18 17.46 -11.32
CA GLU A 84 4.27 18.44 -10.68
C GLU A 84 3.86 19.52 -11.70
N LEU A 85 4.77 20.04 -12.46
CA LEU A 85 4.42 21.13 -13.40
C LEU A 85 3.52 20.60 -14.55
N GLN A 86 3.73 19.37 -15.04
CA GLN A 86 2.86 18.74 -16.08
C GLN A 86 1.46 18.51 -15.49
N VAL A 87 1.39 17.99 -14.30
CA VAL A 87 0.08 17.67 -13.64
C VAL A 87 -0.66 19.00 -13.36
N LYS A 88 0.10 20.03 -12.98
CA LYS A 88 -0.45 21.40 -12.71
C LYS A 88 -1.11 21.88 -14.00
N LEU A 89 -0.38 21.89 -15.13
CA LEU A 89 -0.94 22.42 -16.40
C LEU A 89 -2.17 21.61 -16.76
N ALA A 90 -2.10 20.28 -16.69
CA ALA A 90 -3.13 19.43 -17.29
C ALA A 90 -4.38 19.47 -16.40
N SER A 91 -4.29 19.94 -15.15
CA SER A 91 -5.43 20.06 -14.23
C SER A 91 -5.91 21.51 -14.16
N GLU A 92 -5.45 22.39 -15.05
CA GLU A 92 -5.82 23.82 -15.03
C GLU A 92 -6.34 24.32 -16.38
N GLY A 93 -6.71 23.42 -17.27
CA GLY A 93 -7.41 23.81 -18.52
C GLY A 93 -6.43 23.86 -19.70
N TYR A 94 -5.18 23.45 -19.53
CA TYR A 94 -4.22 23.48 -20.67
C TYR A 94 -4.20 22.21 -21.53
N ALA A 95 -4.85 21.11 -21.12
CA ALA A 95 -4.79 19.80 -21.77
C ALA A 95 -6.00 19.54 -22.65
N LEU A 96 -5.78 19.02 -23.85
CA LEU A 96 -6.83 18.46 -24.73
C LEU A 96 -7.20 17.08 -24.17
N PRO A 97 -8.45 16.88 -23.71
CA PRO A 97 -8.88 15.56 -23.26
C PRO A 97 -8.86 14.61 -24.47
N TYR A 98 -8.24 13.46 -24.31
CA TYR A 98 -8.10 12.43 -25.34
C TYR A 98 -7.82 11.12 -24.64
N ASP A 99 -8.75 10.19 -24.83
CA ASP A 99 -8.66 8.78 -24.39
C ASP A 99 -7.75 8.02 -25.41
N SER A 100 -6.49 7.84 -25.10
CA SER A 100 -5.57 7.12 -26.01
C SER A 100 -6.01 5.66 -26.13
N PRO A 101 -6.26 5.14 -27.36
CA PRO A 101 -6.56 3.73 -27.54
C PRO A 101 -5.36 2.83 -27.22
N GLU A 102 -4.17 3.40 -26.96
CA GLU A 102 -2.97 2.60 -26.60
C GLU A 102 -2.84 2.51 -25.07
N ALA A 103 -3.66 3.23 -24.29
CA ALA A 103 -3.48 3.33 -22.82
C ALA A 103 -4.57 2.57 -22.06
N LYS A 104 -5.21 1.61 -22.68
CA LYS A 104 -6.37 0.92 -22.08
C LYS A 104 -5.91 0.16 -20.82
N ASN A 105 -4.67 -0.33 -20.73
CA ASN A 105 -4.25 -1.10 -19.53
C ASN A 105 -3.31 -0.24 -18.67
N TRP A 106 -3.27 1.09 -18.87
CA TRP A 106 -2.57 2.02 -17.95
C TRP A 106 -3.28 1.96 -16.60
N PRO A 107 -2.57 1.74 -15.49
CA PRO A 107 -3.16 1.91 -14.18
C PRO A 107 -3.68 3.38 -14.02
N ALA A 108 -4.71 3.57 -13.17
CA ALA A 108 -5.37 4.87 -12.89
C ALA A 108 -4.33 5.86 -12.33
N ASN A 109 -3.32 5.37 -11.61
CA ASN A 109 -2.28 6.24 -11.02
C ASN A 109 -1.16 6.54 -12.02
N ALA A 110 -1.32 6.17 -13.29
CA ALA A 110 -0.33 6.47 -14.34
C ALA A 110 -0.95 7.37 -15.39
N ARG A 111 -2.15 7.91 -15.13
CA ARG A 111 -2.83 8.81 -16.08
C ARG A 111 -3.73 9.74 -15.29
N LEU A 112 -3.91 10.95 -15.77
CA LEU A 112 -4.80 11.97 -15.16
C LEU A 112 -6.12 11.91 -15.89
N GLY A 113 -6.85 10.84 -15.72
CA GLY A 113 -8.01 10.52 -16.59
C GLY A 113 -7.61 10.50 -18.04
N ASN A 114 -8.25 11.35 -18.85
CA ASN A 114 -7.95 11.50 -20.27
C ASN A 114 -7.17 12.78 -20.52
N LEU A 115 -6.53 13.33 -19.51
CA LEU A 115 -5.85 14.64 -19.65
C LEU A 115 -4.35 14.55 -19.83
N ALA A 116 -3.68 13.50 -19.32
CA ALA A 116 -2.21 13.42 -19.36
C ALA A 116 -1.82 11.99 -19.04
N TYR A 117 -0.63 11.61 -19.46
CA TYR A 117 -0.24 10.19 -19.39
C TYR A 117 1.20 10.02 -18.93
N SER A 118 1.43 8.99 -18.12
CA SER A 118 2.76 8.40 -17.91
C SER A 118 3.26 7.86 -19.24
N THR A 119 4.49 8.14 -19.62
CA THR A 119 5.15 7.54 -20.80
C THR A 119 6.37 6.71 -20.41
N THR A 120 6.83 6.74 -19.17
CA THR A 120 8.08 6.07 -18.75
C THR A 120 7.98 5.70 -17.27
N LEU A 121 8.92 4.86 -16.81
CA LEU A 121 9.13 4.51 -15.39
C LEU A 121 10.65 4.53 -15.16
N GLU A 122 11.21 5.72 -14.92
CA GLU A 122 12.66 6.00 -14.97
C GLU A 122 13.23 6.15 -13.57
N PRO A 123 14.21 5.32 -13.19
CA PRO A 123 14.73 5.34 -11.84
C PRO A 123 15.72 6.47 -11.68
N ALA A 124 15.79 7.03 -10.47
CA ALA A 124 16.88 7.93 -10.03
C ALA A 124 18.01 7.06 -9.46
N VAL A 125 19.17 7.13 -10.12
CA VAL A 125 20.25 6.16 -9.82
C VAL A 125 21.49 6.94 -9.40
N VAL A 126 22.52 6.17 -9.08
CA VAL A 126 23.87 6.67 -8.84
C VAL A 126 24.72 6.34 -10.07
N VAL A 127 25.45 7.31 -10.58
CA VAL A 127 26.46 7.05 -11.62
C VAL A 127 27.81 7.42 -11.02
N TYR A 128 28.83 6.70 -11.43
CA TYR A 128 30.17 6.94 -10.92
C TYR A 128 31.19 6.70 -12.02
N ASN A 129 32.41 7.16 -11.78
CA ASN A 129 33.52 6.97 -12.70
C ASN A 129 34.33 5.77 -12.18
N LYS A 130 34.35 4.69 -12.94
CA LYS A 130 34.95 3.41 -12.51
C LYS A 130 36.46 3.55 -12.29
N ARG A 131 37.11 4.58 -12.86
CA ARG A 131 38.56 4.78 -12.70
C ARG A 131 38.81 5.19 -11.24
N PHE A 132 37.81 5.79 -10.57
CA PHE A 132 37.97 6.45 -9.24
C PHE A 132 37.18 5.73 -8.15
N LEU A 133 36.05 5.13 -8.47
CA LEU A 133 35.33 4.22 -7.57
C LEU A 133 35.03 2.95 -8.36
N LYS A 134 35.47 1.84 -7.78
CA LYS A 134 35.20 0.49 -8.29
C LYS A 134 33.80 0.08 -7.90
N PRO A 135 33.11 -0.76 -8.72
CA PRO A 135 31.74 -1.17 -8.41
C PRO A 135 31.56 -1.53 -6.94
N GLU A 136 32.51 -2.27 -6.34
CA GLU A 136 32.36 -2.76 -4.95
C GLU A 136 32.55 -1.61 -3.95
N GLU A 137 33.15 -0.47 -4.31
CA GLU A 137 33.33 0.69 -3.40
C GLU A 137 32.08 1.58 -3.37
N VAL A 138 31.11 1.36 -4.26
CA VAL A 138 29.88 2.20 -4.37
C VAL A 138 28.75 1.53 -3.61
N PRO A 139 28.35 2.05 -2.45
CA PRO A 139 27.22 1.50 -1.71
C PRO A 139 25.93 1.76 -2.49
N THR A 140 24.94 0.90 -2.27
CA THR A 140 23.63 0.93 -2.96
C THR A 140 22.56 1.34 -1.95
N THR A 141 22.96 1.89 -0.79
CA THR A 141 21.97 2.44 0.19
C THR A 141 22.29 3.91 0.53
N ARG A 142 21.28 4.68 0.93
CA ARG A 142 21.46 6.05 1.44
C ARG A 142 22.40 6.10 2.65
N GLU A 143 22.31 5.19 3.60
CA GLU A 143 23.19 5.18 4.80
C GLU A 143 24.62 4.82 4.37
N GLY A 144 24.78 3.88 3.45
CA GLY A 144 26.12 3.52 2.94
C GLY A 144 26.74 4.68 2.18
N LEU A 145 25.94 5.38 1.38
CA LEU A 145 26.45 6.57 0.64
C LEU A 145 26.84 7.66 1.65
N ALA A 146 26.01 7.91 2.66
CA ALA A 146 26.34 8.88 3.73
C ALA A 146 27.71 8.52 4.33
N ARG A 147 27.96 7.22 4.56
CA ARG A 147 29.26 6.69 5.12
C ARG A 147 30.38 7.00 4.12
N LEU A 148 30.22 6.67 2.83
CA LEU A 148 31.33 6.88 1.85
C LEU A 148 31.65 8.39 1.78
N LEU A 149 30.61 9.26 1.89
CA LEU A 149 30.80 10.72 1.72
C LEU A 149 31.50 11.34 2.95
N GLN A 150 31.75 10.59 4.02
CA GLN A 150 32.63 11.05 5.15
C GLN A 150 34.10 10.98 4.72
N GLU A 151 34.45 10.21 3.68
CA GLU A 151 35.88 9.96 3.37
C GLU A 151 36.49 11.23 2.76
N PRO A 152 37.69 11.67 3.20
CA PRO A 152 38.33 12.86 2.64
C PRO A 152 38.46 12.80 1.11
N ARG A 153 38.71 11.63 0.52
CA ARG A 153 38.86 11.52 -0.96
C ARG A 153 37.52 11.86 -1.64
N MET A 154 36.41 11.88 -0.93
CA MET A 154 35.10 12.17 -1.56
C MET A 154 34.81 13.65 -1.50
N ARG A 155 35.57 14.45 -0.75
CA ARG A 155 35.30 15.90 -0.64
C ARG A 155 35.48 16.56 -2.00
N GLY A 156 34.48 17.22 -2.54
CA GLY A 156 34.59 17.83 -3.89
C GLY A 156 34.25 16.84 -5.01
N ARG A 157 33.92 15.61 -4.68
CA ARG A 157 33.79 14.54 -5.70
C ARG A 157 32.35 14.06 -5.85
N VAL A 158 31.35 14.83 -5.42
CA VAL A 158 29.93 14.42 -5.48
C VAL A 158 29.13 15.46 -6.25
N ALA A 159 28.24 15.01 -7.14
CA ALA A 159 27.25 15.85 -7.84
C ALA A 159 25.86 15.39 -7.50
N THR A 160 24.92 16.31 -7.40
CA THR A 160 23.48 15.98 -7.29
C THR A 160 22.71 17.13 -7.88
N TRP A 161 21.43 17.00 -7.83
CA TRP A 161 20.49 18.01 -8.39
C TRP A 161 20.58 19.30 -7.60
N ASP A 162 20.34 20.42 -8.26
CA ASP A 162 19.93 21.66 -7.58
C ASP A 162 18.41 21.72 -7.69
N PRO A 163 17.68 21.44 -6.59
CA PRO A 163 16.22 21.42 -6.64
C PRO A 163 15.61 22.82 -6.70
N GLU A 164 16.43 23.87 -6.62
CA GLU A 164 15.95 25.26 -6.81
C GLU A 164 16.12 25.69 -8.26
N ARG A 165 16.90 24.98 -9.11
CA ARG A 165 17.03 25.41 -10.53
C ARG A 165 16.47 24.37 -11.49
N SER A 166 16.21 23.13 -11.07
CA SER A 166 15.64 22.07 -11.94
C SER A 166 14.31 21.66 -11.33
N ALA A 167 13.23 21.77 -12.06
CA ALA A 167 11.91 21.38 -11.53
C ALA A 167 11.90 19.87 -11.27
N VAL A 168 12.58 19.07 -12.09
CA VAL A 168 12.59 17.58 -11.92
C VAL A 168 13.59 17.23 -10.81
N GLY A 169 14.66 17.98 -10.64
CA GLY A 169 15.54 17.86 -9.46
C GLY A 169 14.71 17.94 -8.20
N PHE A 170 13.80 18.92 -8.13
CA PHE A 170 12.83 19.08 -7.04
C PHE A 170 11.94 17.84 -6.97
N THR A 171 11.34 17.44 -8.09
CA THR A 171 10.46 16.23 -8.12
C THR A 171 11.20 15.05 -7.48
N ILE A 172 12.44 14.82 -7.91
CA ILE A 172 13.19 13.62 -7.45
C ILE A 172 13.56 13.76 -5.97
N LEU A 173 14.22 14.86 -5.62
CA LEU A 173 14.76 15.00 -4.22
C LEU A 173 13.61 15.16 -3.22
N LYS A 174 12.50 15.82 -3.59
CA LYS A 174 11.33 15.95 -2.71
C LYS A 174 10.74 14.56 -2.44
N ALA A 175 10.58 13.73 -3.48
CA ALA A 175 10.03 12.37 -3.31
C ALA A 175 11.00 11.55 -2.45
N ASP A 176 12.33 11.70 -2.64
CA ASP A 176 13.33 10.97 -1.83
C ASP A 176 13.15 11.40 -0.36
N TYR A 177 13.14 12.70 -0.11
CA TYR A 177 12.93 13.28 1.23
C TYR A 177 11.63 12.79 1.86
N ASP A 178 10.53 12.78 1.12
CA ASP A 178 9.20 12.34 1.67
C ASP A 178 9.25 10.84 2.03
N ARG A 179 9.91 9.98 1.26
CA ARG A 179 9.73 8.49 1.35
C ARG A 179 10.83 7.85 2.20
N PHE A 180 12.04 8.39 2.25
CA PHE A 180 13.21 7.67 2.83
C PHE A 180 13.78 8.54 3.94
N PRO A 181 13.53 8.19 5.21
CA PRO A 181 14.18 8.89 6.31
C PRO A 181 15.69 9.06 6.13
N ALA A 182 16.38 8.03 5.64
CA ALA A 182 17.86 8.01 5.48
C ALA A 182 18.31 9.09 4.50
N PHE A 183 17.40 9.65 3.69
CA PHE A 183 17.75 10.78 2.79
C PHE A 183 18.29 11.94 3.62
N GLN A 184 17.78 12.14 4.83
CA GLN A 184 18.26 13.29 5.67
C GLN A 184 19.75 13.18 6.00
N GLU A 185 20.18 12.01 6.49
CA GLU A 185 21.60 11.67 6.76
C GLU A 185 22.41 11.84 5.47
N LEU A 186 21.88 11.39 4.34
CA LEU A 186 22.58 11.54 3.04
C LEU A 186 22.75 13.01 2.70
N ALA A 187 21.71 13.83 2.83
CA ALA A 187 21.76 15.26 2.45
C ALA A 187 22.81 15.97 3.34
N ARG A 188 22.93 15.62 4.63
CA ARG A 188 23.99 16.20 5.53
C ARG A 188 25.35 15.75 4.97
N ALA A 189 25.47 14.51 4.49
CA ALA A 189 26.74 14.01 3.91
C ALA A 189 27.02 14.75 2.60
N PHE A 190 26.00 15.24 1.87
CA PHE A 190 26.23 16.11 0.69
C PHE A 190 26.96 17.35 1.17
N GLY A 191 26.50 17.92 2.28
CA GLY A 191 27.18 19.04 2.95
C GLY A 191 28.63 18.70 3.32
N LYS A 192 28.82 17.62 4.03
CA LYS A 192 30.17 17.17 4.44
C LYS A 192 31.08 17.05 3.20
N ALA A 193 30.62 16.46 2.11
CA ALA A 193 31.46 16.21 0.92
C ALA A 193 31.47 17.43 -0.01
N GLN A 194 30.77 18.49 0.37
CA GLN A 194 30.68 19.76 -0.40
C GLN A 194 30.15 19.40 -1.79
N ALA A 195 29.06 18.65 -1.89
CA ALA A 195 28.39 18.28 -3.15
C ALA A 195 28.17 19.50 -4.02
N ALA A 196 28.47 19.40 -5.32
CA ALA A 196 28.12 20.44 -6.31
C ALA A 196 26.72 20.12 -6.84
N LEU A 197 25.91 21.14 -7.08
CA LEU A 197 24.49 21.00 -7.47
C LEU A 197 24.33 21.43 -8.92
N TYR A 198 23.63 20.62 -9.72
CA TYR A 198 23.51 20.84 -11.17
C TYR A 198 22.05 20.91 -11.57
N SER A 199 21.78 21.69 -12.57
CA SER A 199 20.41 21.95 -13.07
C SER A 199 20.10 21.00 -14.21
N SER A 200 21.02 20.16 -14.63
CA SER A 200 20.78 19.19 -15.73
C SER A 200 21.65 17.95 -15.58
N THR A 201 21.16 16.83 -16.07
CA THR A 201 21.88 15.57 -16.02
C THR A 201 23.25 15.73 -16.71
N GLY A 202 23.28 16.39 -17.87
CA GLY A 202 24.48 16.47 -18.70
C GLY A 202 25.58 17.21 -17.97
N ALA A 203 25.24 18.24 -17.20
CA ALA A 203 26.29 19.04 -16.55
C ALA A 203 26.92 18.15 -15.47
N ALA A 204 26.12 17.35 -14.76
CA ALA A 204 26.65 16.44 -13.72
C ALA A 204 27.48 15.36 -14.38
N PHE A 205 26.95 14.71 -15.41
CA PHE A 205 27.67 13.61 -16.11
C PHE A 205 29.02 14.10 -16.65
N GLU A 206 29.11 15.30 -17.20
CA GLU A 206 30.34 15.85 -17.82
C GLU A 206 31.44 15.80 -16.75
N LYS A 207 31.13 16.17 -15.51
CA LYS A 207 32.13 16.25 -14.43
C LYS A 207 32.44 14.84 -13.90
N VAL A 208 31.49 13.90 -13.86
CA VAL A 208 31.79 12.49 -13.46
C VAL A 208 32.72 11.87 -14.53
N ILE A 209 32.43 12.11 -15.81
CA ILE A 209 33.24 11.54 -16.91
C ILE A 209 34.66 12.14 -16.89
N SER A 210 34.84 13.44 -16.61
CA SER A 210 36.22 14.02 -16.58
C SER A 210 36.94 13.52 -15.31
N GLY A 211 36.19 13.10 -14.27
CA GLY A 211 36.71 12.74 -12.95
C GLY A 211 36.75 13.91 -11.97
N GLU A 212 36.31 15.11 -12.36
CA GLU A 212 36.19 16.26 -11.43
C GLU A 212 35.26 15.83 -10.28
N HIS A 213 34.21 15.07 -10.57
CA HIS A 213 33.41 14.33 -9.57
C HIS A 213 33.55 12.82 -9.83
N TYR A 214 33.41 12.02 -8.79
CA TYR A 214 33.53 10.56 -8.86
C TYR A 214 32.14 9.94 -8.94
N LEU A 215 31.12 10.66 -8.47
CA LEU A 215 29.81 10.08 -8.18
C LEU A 215 28.76 11.18 -8.39
N ALA A 216 27.60 10.83 -8.96
CA ALA A 216 26.43 11.70 -9.13
C ALA A 216 25.23 10.94 -8.65
N TYR A 217 24.41 11.58 -7.80
CA TYR A 217 23.22 11.01 -7.15
C TYR A 217 21.96 11.66 -7.71
N GLY A 218 21.04 10.80 -8.11
CA GLY A 218 19.64 11.18 -8.35
C GLY A 218 19.32 11.35 -9.81
N PHE A 219 20.26 11.16 -10.75
CA PHE A 219 20.03 11.42 -12.20
C PHE A 219 19.41 10.20 -12.87
N PHE A 220 18.86 10.43 -14.08
CA PHE A 220 18.02 9.41 -14.76
C PHE A 220 18.84 8.21 -15.22
N GLY A 221 18.37 7.00 -14.89
CA GLY A 221 18.95 5.75 -15.42
C GLY A 221 18.99 5.73 -16.93
N SER A 222 17.97 6.29 -17.58
CA SER A 222 17.85 6.33 -19.06
C SER A 222 19.09 6.97 -19.66
N TYR A 223 19.44 8.15 -19.17
CA TYR A 223 20.57 8.94 -19.70
C TYR A 223 21.86 8.24 -19.32
N ALA A 224 21.92 7.61 -18.14
CA ALA A 224 23.15 6.87 -17.73
C ALA A 224 23.40 5.72 -18.71
N LEU A 225 22.42 4.88 -19.00
CA LEU A 225 22.54 3.75 -19.94
C LEU A 225 22.97 4.24 -21.30
N LEU A 226 22.41 5.34 -21.78
CA LEU A 226 22.73 5.84 -23.15
C LEU A 226 24.18 6.35 -23.14
N ARG A 227 24.58 7.03 -22.08
CA ARG A 227 25.96 7.59 -22.00
CA ARG A 227 25.96 7.59 -22.00
C ARG A 227 27.00 6.45 -21.89
N GLN A 228 26.67 5.38 -21.19
CA GLN A 228 27.53 4.19 -21.00
C GLN A 228 27.94 3.61 -22.35
N ARG A 229 27.10 3.69 -23.37
CA ARG A 229 27.41 3.06 -24.67
C ARG A 229 28.66 3.69 -25.29
N THR A 230 28.90 4.98 -25.04
CA THR A 230 30.04 5.72 -25.65
C THR A 230 31.13 5.99 -24.62
N VAL A 231 30.88 5.79 -23.32
CA VAL A 231 31.82 6.10 -22.21
C VAL A 231 31.94 4.86 -21.29
N LYS A 232 32.99 4.07 -21.46
CA LYS A 232 33.07 2.74 -20.77
C LYS A 232 33.36 2.92 -19.26
N ASP A 233 33.90 4.06 -18.83
CA ASP A 233 34.22 4.28 -17.40
C ASP A 233 33.01 4.74 -16.60
N LEU A 234 31.86 4.89 -17.25
CA LEU A 234 30.63 5.26 -16.54
C LEU A 234 30.01 4.04 -15.88
N GLY A 235 29.94 3.99 -14.56
CA GLY A 235 29.20 2.96 -13.82
C GLY A 235 27.83 3.45 -13.36
N ILE A 236 26.89 2.54 -13.15
CA ILE A 236 25.51 2.81 -12.64
C ILE A 236 25.29 1.87 -11.46
N ALA A 237 24.84 2.41 -10.33
CA ALA A 237 24.41 1.63 -9.16
C ALA A 237 22.95 1.99 -8.91
N TYR A 238 22.15 0.97 -8.66
CA TYR A 238 20.74 1.08 -8.33
C TYR A 238 20.60 0.99 -6.84
N LEU A 239 19.80 1.87 -6.25
CA LEU A 239 19.58 1.87 -4.77
C LEU A 239 18.71 0.66 -4.37
N THR A 240 19.15 -0.14 -3.43
CA THR A 240 18.46 -1.37 -2.99
C THR A 240 17.63 -1.07 -1.73
N ASP A 241 17.82 0.08 -1.08
CA ASP A 241 17.01 0.47 0.10
C ASP A 241 15.78 1.21 -0.39
N GLY A 242 15.64 1.49 -1.67
CA GLY A 242 14.46 2.22 -2.18
C GLY A 242 14.84 3.16 -3.31
N THR A 243 14.21 2.98 -4.45
CA THR A 243 14.47 3.81 -5.65
C THR A 243 13.21 4.66 -5.94
N VAL A 244 13.41 5.93 -6.20
CA VAL A 244 12.40 6.86 -6.72
C VAL A 244 12.36 6.66 -8.23
N ALA A 245 11.19 6.52 -8.82
CA ALA A 245 10.99 6.50 -10.27
C ALA A 245 10.05 7.66 -10.65
N ILE A 246 10.46 8.43 -11.63
CA ILE A 246 9.64 9.48 -12.27
C ILE A 246 8.96 8.83 -13.48
N GLN A 247 7.78 9.35 -13.83
CA GLN A 247 7.04 9.05 -15.02
C GLN A 247 7.00 10.35 -15.84
N ARG A 248 7.69 10.37 -16.99
CA ARG A 248 7.61 11.54 -17.88
C ARG A 248 6.16 11.67 -18.31
N VAL A 249 5.59 12.83 -18.15
CA VAL A 249 4.15 13.07 -18.45
C VAL A 249 4.04 13.71 -19.81
N ALA A 250 3.20 13.17 -20.67
CA ALA A 250 2.80 13.80 -21.94
C ALA A 250 1.34 14.26 -21.83
N PHE A 251 1.05 15.41 -22.44
CA PHE A 251 -0.33 15.82 -22.68
C PHE A 251 -0.32 16.71 -23.94
N ILE A 252 -1.48 16.77 -24.56
CA ILE A 252 -1.76 17.55 -25.78
C ILE A 252 -2.25 18.93 -25.35
N ASN A 253 -1.67 19.96 -25.95
CA ASN A 253 -2.12 21.34 -25.77
C ASN A 253 -3.57 21.41 -26.23
N LYS A 254 -4.43 21.81 -25.33
CA LYS A 254 -5.84 22.13 -25.68
C LYS A 254 -5.85 23.07 -26.88
N ARG A 255 -4.93 24.03 -26.98
CA ARG A 255 -4.95 25.04 -28.09
C ARG A 255 -3.96 24.66 -29.20
N ALA A 256 -3.55 23.38 -29.27
CA ALA A 256 -2.71 22.86 -30.36
C ALA A 256 -3.28 23.27 -31.71
N ALA A 257 -2.46 23.83 -32.59
CA ALA A 257 -2.84 24.03 -34.02
C ALA A 257 -2.88 22.66 -34.70
N HIS A 258 -2.13 21.66 -34.19
CA HIS A 258 -2.08 20.29 -34.80
C HIS A 258 -2.43 19.23 -33.79
N PRO A 259 -3.69 19.22 -33.28
CA PRO A 259 -4.09 18.28 -32.27
C PRO A 259 -4.02 16.83 -32.71
N ASN A 260 -4.30 16.53 -33.97
CA ASN A 260 -4.36 15.12 -34.42
C ASN A 260 -2.95 14.55 -34.54
N ALA A 261 -1.99 15.36 -34.97
CA ALA A 261 -0.59 14.92 -35.06
C ALA A 261 -0.11 14.65 -33.65
N ALA A 262 -0.53 15.47 -32.68
CA ALA A 262 -0.16 15.29 -31.26
C ALA A 262 -0.78 13.97 -30.76
N LYS A 263 -2.03 13.67 -31.15
CA LYS A 263 -2.70 12.41 -30.78
C LYS A 263 -1.85 11.23 -31.30
N LEU A 264 -1.44 11.25 -32.58
CA LEU A 264 -0.67 10.14 -33.18
C LEU A 264 0.64 9.97 -32.39
N PHE A 265 1.33 11.06 -32.04
CA PHE A 265 2.63 10.99 -31.34
C PHE A 265 2.41 10.44 -29.90
N LEU A 266 1.34 10.88 -29.23
CA LEU A 266 1.04 10.40 -27.87
C LEU A 266 0.74 8.90 -27.95
N ASP A 267 -0.11 8.47 -28.89
CA ASP A 267 -0.45 7.05 -29.07
C ASP A 267 0.85 6.28 -29.33
N TYR A 268 1.71 6.81 -30.20
CA TYR A 268 2.98 6.16 -30.56
C TYR A 268 3.78 5.94 -29.28
N LEU A 269 3.97 7.00 -28.47
CA LEU A 269 4.77 6.91 -27.24
C LEU A 269 4.20 5.81 -26.32
N LEU A 270 2.87 5.65 -26.25
CA LEU A 270 2.23 4.69 -25.31
C LEU A 270 2.16 3.29 -25.90
N SER A 271 2.26 3.15 -27.22
CA SER A 271 2.12 1.88 -27.96
C SER A 271 3.21 0.89 -27.56
N LEU A 272 2.98 -0.39 -27.81
CA LEU A 272 4.07 -1.42 -27.74
C LEU A 272 5.23 -1.03 -28.62
N ARG A 273 4.98 -0.59 -29.84
CA ARG A 273 6.07 -0.19 -30.77
C ARG A 273 6.95 0.88 -30.10
N GLY A 274 6.36 1.92 -29.56
CA GLY A 274 7.13 3.03 -28.99
C GLY A 274 7.80 2.64 -27.70
N GLN A 275 7.12 1.88 -26.84
CA GLN A 275 7.69 1.47 -25.52
C GLN A 275 8.83 0.48 -25.79
N ASN A 276 8.68 -0.36 -26.78
CA ASN A 276 9.76 -1.35 -27.12
C ASN A 276 10.97 -0.57 -27.66
N LEU A 277 10.76 0.43 -28.51
CA LEU A 277 11.87 1.28 -29.00
C LEU A 277 12.54 1.99 -27.81
N MET A 278 11.77 2.46 -26.82
CA MET A 278 12.37 3.04 -25.61
C MET A 278 13.29 2.03 -24.95
N ALA A 279 12.77 0.82 -24.72
CA ALA A 279 13.44 -0.20 -23.88
C ALA A 279 14.69 -0.68 -24.60
N TYR A 280 14.63 -0.78 -25.93
CA TYR A 280 15.65 -1.56 -26.67
C TYR A 280 16.75 -0.65 -27.25
N THR A 281 16.37 0.48 -27.83
CA THR A 281 17.18 1.33 -28.73
C THR A 281 17.41 2.69 -28.08
N ALA A 282 16.37 3.41 -27.62
CA ALA A 282 16.56 4.77 -27.02
C ALA A 282 17.16 4.63 -25.61
N LEU A 283 17.00 3.48 -24.96
CA LEU A 283 17.44 3.20 -23.58
C LEU A 283 16.76 4.20 -22.63
N ILE A 284 15.49 4.49 -22.89
CA ILE A 284 14.53 5.17 -21.95
C ILE A 284 13.78 4.07 -21.23
N PHE A 285 13.80 4.04 -19.90
CA PHE A 285 13.09 3.00 -19.12
C PHE A 285 11.59 3.11 -19.43
N ALA A 286 11.02 2.06 -20.04
CA ALA A 286 9.61 2.03 -20.48
C ALA A 286 8.66 1.93 -19.29
N ARG A 287 7.42 2.36 -19.51
CA ARG A 287 6.26 2.22 -18.56
C ARG A 287 5.64 0.82 -18.76
N ARG A 288 5.54 0.31 -19.98
CA ARG A 288 4.80 -0.96 -20.23
C ARG A 288 5.66 -2.11 -19.71
N GLU A 289 5.04 -3.08 -19.03
CA GLU A 289 5.77 -4.23 -18.49
C GLU A 289 6.12 -5.23 -19.60
N THR A 290 5.33 -5.31 -20.65
CA THR A 290 5.47 -6.37 -21.68
C THR A 290 6.24 -5.77 -22.83
N VAL A 291 7.57 -5.56 -22.65
CA VAL A 291 8.61 -4.95 -23.54
C VAL A 291 9.89 -5.80 -23.44
N VAL A 292 10.76 -5.66 -24.43
CA VAL A 292 12.10 -6.31 -24.49
C VAL A 292 13.15 -5.22 -24.72
N GLY A 293 14.21 -5.28 -23.94
CA GLY A 293 15.34 -4.35 -24.03
C GLY A 293 16.05 -4.30 -22.69
N GLU A 294 16.98 -3.38 -22.54
CA GLU A 294 17.78 -3.18 -21.33
C GLU A 294 17.01 -2.27 -20.36
N ALA A 295 16.28 -1.29 -20.87
CA ALA A 295 15.64 -0.25 -20.05
C ALA A 295 14.17 -0.61 -19.82
N THR A 296 13.91 -1.59 -18.97
CA THR A 296 12.54 -2.15 -18.72
C THR A 296 12.22 -2.16 -17.23
N PRO A 297 10.92 -2.20 -16.86
CA PRO A 297 10.56 -2.41 -15.47
C PRO A 297 11.17 -3.69 -14.87
N GLN A 298 11.08 -4.81 -15.60
CA GLN A 298 11.71 -6.10 -15.22
C GLN A 298 13.17 -5.87 -14.83
N ALA A 299 13.94 -5.14 -15.62
CA ALA A 299 15.39 -4.94 -15.38
C ALA A 299 15.54 -4.04 -14.16
N LEU A 300 14.72 -3.05 -14.03
CA LEU A 300 14.79 -2.11 -12.90
C LEU A 300 14.50 -2.89 -11.62
N TYR A 301 13.42 -3.66 -11.61
CA TYR A 301 12.98 -4.43 -10.42
C TYR A 301 14.07 -5.44 -10.01
N LYS A 302 14.74 -6.03 -10.97
CA LYS A 302 15.78 -7.01 -10.70
C LYS A 302 16.95 -6.27 -10.05
N ALA A 303 17.31 -5.09 -10.56
CA ALA A 303 18.48 -4.33 -10.06
C ALA A 303 18.24 -3.83 -8.62
N VAL A 304 17.02 -3.45 -8.25
CA VAL A 304 16.75 -2.85 -6.91
C VAL A 304 16.37 -3.93 -5.88
N GLY A 305 16.01 -5.13 -6.28
CA GLY A 305 15.60 -6.16 -5.31
C GLY A 305 14.10 -6.33 -5.25
N GLY A 306 13.37 -5.72 -6.17
CA GLY A 306 11.95 -6.04 -6.38
C GLY A 306 11.14 -4.78 -6.55
N LYS A 307 9.96 -4.91 -7.15
CA LYS A 307 9.00 -3.84 -7.42
C LYS A 307 8.68 -3.02 -6.16
N ASP A 308 8.54 -3.67 -5.02
CA ASP A 308 8.23 -3.06 -3.69
C ASP A 308 9.35 -2.09 -3.26
N LYS A 309 10.52 -2.13 -3.89
CA LYS A 309 11.65 -1.23 -3.52
C LYS A 309 11.61 0.00 -4.44
N VAL A 310 10.64 0.07 -5.35
CA VAL A 310 10.47 1.23 -6.26
C VAL A 310 9.25 2.03 -5.78
N TYR A 311 9.45 3.31 -5.47
CA TYR A 311 8.37 4.32 -5.33
C TYR A 311 8.24 5.04 -6.65
N ALA A 312 7.21 4.66 -7.38
CA ALA A 312 6.80 5.30 -8.63
C ALA A 312 5.89 6.49 -8.29
N ILE A 313 6.39 7.72 -8.52
CA ILE A 313 5.60 8.96 -8.31
C ILE A 313 4.40 8.88 -9.22
N PRO A 314 3.17 9.01 -8.68
CA PRO A 314 1.97 8.85 -9.49
C PRO A 314 1.70 10.06 -10.36
N VAL A 315 1.07 9.82 -11.48
CA VAL A 315 0.55 10.90 -12.34
C VAL A 315 -0.83 11.25 -11.77
N SER A 316 -0.84 12.10 -10.75
CA SER A 316 -2.05 12.38 -9.91
C SER A 316 -2.01 13.85 -9.48
N THR A 317 -3.17 14.49 -9.28
CA THR A 317 -3.20 15.85 -8.68
C THR A 317 -2.77 15.79 -7.22
N GLU A 318 -2.70 14.62 -6.59
CA GLU A 318 -2.23 14.55 -5.17
C GLU A 318 -0.80 15.07 -5.07
N ILE A 319 0.01 14.93 -6.12
CA ILE A 319 1.43 15.37 -6.04
C ILE A 319 1.57 16.90 -6.08
N LEU A 320 0.47 17.66 -6.28
CA LEU A 320 0.53 19.14 -6.31
C LEU A 320 0.76 19.66 -4.90
N LYS A 321 0.63 18.81 -3.92
CA LYS A 321 0.97 19.11 -2.52
C LYS A 321 2.45 19.56 -2.50
N ASN A 322 3.31 18.99 -3.37
CA ASN A 322 4.74 19.33 -3.42
C ASN A 322 4.93 20.79 -3.78
N LEU A 323 3.97 21.43 -4.44
CA LEU A 323 4.05 22.86 -4.82
C LEU A 323 3.45 23.75 -3.73
N ASP A 324 2.87 23.22 -2.69
CA ASP A 324 2.29 24.05 -1.58
C ASP A 324 3.43 24.86 -0.95
N PRO A 325 3.23 26.14 -0.63
CA PRO A 325 4.26 26.94 0.07
C PRO A 325 4.87 26.30 1.33
N ALA A 326 4.08 25.74 2.22
CA ALA A 326 4.57 25.16 3.49
C ALA A 326 5.42 23.91 3.19
N GLU A 327 5.06 23.17 2.17
CA GLU A 327 5.72 21.89 1.82
C GLU A 327 7.04 22.22 1.12
N ARG A 328 7.08 23.21 0.20
CA ARG A 328 8.37 23.67 -0.39
CA ARG A 328 8.36 23.68 -0.38
C ARG A 328 9.24 24.27 0.73
N MET A 329 8.69 25.00 1.69
CA MET A 329 9.50 25.62 2.77
C MET A 329 10.15 24.53 3.62
N ARG A 330 9.38 23.57 4.09
CA ARG A 330 9.96 22.46 4.90
C ARG A 330 11.12 21.78 4.15
N PHE A 331 10.91 21.39 2.89
CA PHE A 331 11.90 20.66 2.08
C PHE A 331 13.10 21.56 1.84
N LEU A 332 12.88 22.76 1.31
CA LEU A 332 14.03 23.62 0.96
C LEU A 332 14.78 24.05 2.20
N THR A 333 14.12 24.35 3.30
CA THR A 333 14.85 24.89 4.49
C THR A 333 15.80 23.76 4.94
N PHE A 334 15.29 22.53 4.97
CA PHE A 334 16.08 21.37 5.42
C PHE A 334 17.24 21.14 4.44
N TRP A 335 16.94 21.20 3.14
CA TRP A 335 17.88 20.91 2.05
C TRP A 335 19.02 21.91 2.11
N ARG A 336 18.73 23.19 2.08
CA ARG A 336 19.76 24.26 2.04
C ARG A 336 20.66 24.19 3.27
N GLN A 337 20.11 23.94 4.45
CA GLN A 337 20.90 23.82 5.71
C GLN A 337 21.78 22.56 5.58
N ALA A 338 21.27 21.45 5.07
CA ALA A 338 22.01 20.16 5.07
C ALA A 338 23.20 20.24 4.12
N VAL A 339 23.03 20.81 2.93
CA VAL A 339 24.04 20.71 1.84
C VAL A 339 25.02 21.90 1.81
N ARG A 340 24.89 22.90 2.66
CA ARG A 340 25.83 24.07 2.71
C ARG A 340 27.23 23.62 3.17
N SER B 5 -20.80 36.80 6.43
CA SER B 5 -19.71 37.14 5.45
C SER B 5 -20.22 37.02 4.01
N ARG B 6 -19.43 37.44 3.00
CA ARG B 6 -19.75 37.30 1.54
C ARG B 6 -18.62 36.46 0.93
N PRO B 7 -18.89 35.56 -0.05
CA PRO B 7 -17.83 34.89 -0.79
C PRO B 7 -16.97 35.99 -1.43
N ALA B 8 -15.74 35.62 -1.82
CA ALA B 8 -14.75 36.44 -2.53
C ALA B 8 -14.91 36.32 -4.04
N SER B 9 -16.06 35.86 -4.55
CA SER B 9 -16.25 35.88 -6.03
C SER B 9 -15.95 37.28 -6.63
N ASP B 10 -15.24 37.27 -7.78
CA ASP B 10 -14.81 38.45 -8.57
C ASP B 10 -16.05 39.28 -8.88
N PRO B 11 -15.99 40.62 -8.74
CA PRO B 11 -17.10 41.49 -9.17
C PRO B 11 -17.58 41.29 -10.63
N GLN B 12 -16.69 41.09 -11.59
CA GLN B 12 -17.10 40.92 -13.03
C GLN B 12 -17.87 39.59 -13.18
N VAL B 13 -17.58 38.56 -12.37
CA VAL B 13 -18.31 37.26 -12.39
C VAL B 13 -19.70 37.48 -11.81
N VAL B 14 -19.83 38.29 -10.76
CA VAL B 14 -21.17 38.63 -10.17
C VAL B 14 -22.04 39.25 -11.26
N GLU B 15 -21.49 40.17 -12.04
CA GLU B 15 -22.27 40.94 -13.05
C GLU B 15 -22.62 40.02 -14.24
N ALA B 16 -21.69 39.16 -14.65
CA ALA B 16 -21.97 38.18 -15.71
C ALA B 16 -23.03 37.19 -15.20
N ALA B 17 -23.03 36.84 -13.91
CA ALA B 17 -24.06 35.93 -13.35
C ALA B 17 -25.43 36.64 -13.37
N ARG B 18 -25.46 37.93 -13.10
CA ARG B 18 -26.75 38.67 -13.09
C ARG B 18 -27.35 38.62 -14.51
N LYS B 19 -26.53 38.73 -15.57
CA LYS B 19 -27.01 38.60 -16.98
C LYS B 19 -27.59 37.21 -17.22
N GLU B 20 -26.96 36.16 -16.69
CA GLU B 20 -27.42 34.75 -16.84
C GLU B 20 -28.75 34.58 -16.09
N GLY B 21 -28.80 34.97 -14.82
CA GLY B 21 -30.05 35.01 -14.03
C GLY B 21 -30.55 33.65 -13.60
N ARG B 22 -29.83 32.57 -13.89
CA ARG B 22 -30.31 31.19 -13.70
C ARG B 22 -29.16 30.30 -13.31
N LEU B 23 -29.44 29.20 -12.65
CA LEU B 23 -28.40 28.21 -12.23
C LEU B 23 -29.10 26.86 -12.18
N ILE B 24 -28.66 25.93 -12.97
CA ILE B 24 -29.23 24.56 -12.95
C ILE B 24 -28.23 23.65 -12.26
N ILE B 25 -28.66 22.95 -11.22
CA ILE B 25 -27.78 22.08 -10.44
C ILE B 25 -28.26 20.65 -10.60
N TYR B 26 -27.37 19.70 -10.90
CA TYR B 26 -27.69 18.27 -10.64
C TYR B 26 -26.95 17.88 -9.37
N SER B 27 -27.68 17.45 -8.36
CA SER B 27 -27.11 17.15 -7.02
C SER B 27 -27.67 15.85 -6.46
N SER B 28 -26.82 15.06 -5.84
CA SER B 28 -27.26 13.90 -5.03
C SER B 28 -27.60 14.33 -3.59
N THR B 29 -27.29 15.57 -3.21
CA THR B 29 -27.47 16.03 -1.83
C THR B 29 -28.98 16.19 -1.58
N ALA B 30 -29.54 15.44 -0.62
CA ALA B 30 -30.97 15.53 -0.26
C ALA B 30 -31.40 16.98 -0.19
N GLN B 31 -32.45 17.36 -0.92
CA GLN B 31 -33.00 18.74 -0.84
C GLN B 31 -33.29 19.09 0.64
N SER B 32 -33.70 18.16 1.49
CA SER B 32 -33.92 18.42 2.93
C SER B 32 -32.63 18.96 3.61
N SER B 33 -31.46 18.46 3.22
CA SER B 33 -30.13 18.87 3.73
C SER B 33 -29.67 20.14 2.99
N ALA B 34 -29.94 20.32 1.71
CA ALA B 34 -29.39 21.43 0.89
C ALA B 34 -30.23 22.70 0.98
N GLN B 35 -31.47 22.61 1.40
CA GLN B 35 -32.43 23.74 1.31
C GLN B 35 -31.90 24.95 2.07
N ALA B 36 -31.37 24.80 3.29
CA ALA B 36 -30.84 26.00 4.00
C ALA B 36 -29.72 26.65 3.16
N LEU B 37 -28.92 25.88 2.43
CA LEU B 37 -27.85 26.46 1.58
C LEU B 37 -28.47 27.25 0.43
N LEU B 38 -29.46 26.69 -0.27
CA LEU B 38 -30.14 27.37 -1.40
C LEU B 38 -30.79 28.68 -0.92
N ASP B 39 -31.43 28.68 0.25
CA ASP B 39 -32.12 29.84 0.87
C ASP B 39 -31.07 30.91 1.19
N ASP B 40 -29.92 30.53 1.77
CA ASP B 40 -28.87 31.54 2.10
C ASP B 40 -28.27 32.06 0.79
N PHE B 41 -28.04 31.18 -0.19
CA PHE B 41 -27.53 31.64 -1.52
C PHE B 41 -28.50 32.68 -2.12
N ARG B 42 -29.81 32.45 -2.05
CA ARG B 42 -30.87 33.38 -2.55
C ARG B 42 -30.77 34.72 -1.82
N LYS B 43 -30.49 34.74 -0.52
CA LYS B 43 -30.27 35.99 0.25
C LYS B 43 -29.08 36.75 -0.31
N LEU B 44 -27.99 36.04 -0.54
CA LEU B 44 -26.73 36.60 -1.13
C LEU B 44 -26.98 37.15 -2.53
N TYR B 45 -27.66 36.39 -3.38
CA TYR B 45 -27.81 36.69 -4.83
C TYR B 45 -29.25 36.48 -5.22
N PRO B 46 -30.14 37.45 -4.89
CA PRO B 46 -31.57 37.28 -5.13
C PRO B 46 -31.91 37.15 -6.62
N PHE B 47 -31.04 37.64 -7.50
CA PHE B 47 -31.28 37.74 -8.96
C PHE B 47 -30.92 36.41 -9.67
N ILE B 48 -30.55 35.36 -8.94
CA ILE B 48 -30.25 34.04 -9.58
C ILE B 48 -31.37 33.08 -9.26
N GLN B 49 -32.10 32.60 -10.26
CA GLN B 49 -33.19 31.60 -10.08
C GLN B 49 -32.52 30.23 -10.09
N ILE B 50 -32.71 29.46 -9.03
CA ILE B 50 -32.06 28.14 -8.89
C ILE B 50 -33.03 27.05 -9.30
N GLU B 51 -32.53 26.12 -10.12
CA GLU B 51 -33.25 24.87 -10.41
C GLU B 51 -32.43 23.74 -9.80
N TYR B 52 -32.95 23.17 -8.74
CA TYR B 52 -32.23 22.16 -7.97
C TYR B 52 -32.83 20.83 -8.37
N ASN B 53 -32.07 19.99 -9.04
CA ASN B 53 -32.45 18.62 -9.39
C ASN B 53 -31.80 17.66 -8.39
N ASP B 54 -32.60 17.10 -7.52
CA ASP B 54 -32.23 16.11 -6.48
C ASP B 54 -32.32 14.73 -7.13
N LEU B 55 -31.21 14.10 -7.51
CA LEU B 55 -31.18 12.92 -8.38
C LEU B 55 -30.26 11.84 -7.78
N GLY B 56 -30.45 10.59 -8.16
CA GLY B 56 -29.50 9.51 -7.78
C GLY B 56 -28.12 9.75 -8.41
N THR B 57 -27.08 9.26 -7.78
CA THR B 57 -25.68 9.48 -8.20
C THR B 57 -25.48 8.86 -9.60
N GLN B 58 -25.97 7.65 -9.81
CA GLN B 58 -25.84 6.95 -11.12
C GLN B 58 -26.61 7.73 -12.19
N ALA B 59 -27.85 8.15 -11.92
CA ALA B 59 -28.69 8.97 -12.81
C ALA B 59 -28.00 10.30 -13.15
N ILE B 60 -27.39 10.99 -12.20
CA ILE B 60 -26.70 12.28 -12.54
C ILE B 60 -25.67 12.01 -13.66
N TYR B 61 -24.84 11.00 -13.47
CA TYR B 61 -23.73 10.70 -14.40
C TYR B 61 -24.34 10.33 -15.77
N ASP B 62 -25.29 9.40 -15.83
CA ASP B 62 -25.93 8.93 -17.09
C ASP B 62 -26.58 10.11 -17.83
N ARG B 63 -27.39 10.90 -17.13
CA ARG B 63 -28.16 12.00 -17.74
C ARG B 63 -27.20 13.08 -18.25
N PHE B 64 -26.17 13.42 -17.47
CA PHE B 64 -25.20 14.47 -17.83
C PHE B 64 -24.46 14.02 -19.09
N VAL B 65 -23.97 12.77 -19.10
CA VAL B 65 -23.25 12.16 -20.25
C VAL B 65 -24.15 12.16 -21.51
N SER B 66 -25.40 11.71 -21.41
CA SER B 66 -26.30 11.61 -22.61
C SER B 66 -26.71 13.01 -23.10
N GLU B 67 -27.00 13.95 -22.20
CA GLU B 67 -27.40 15.34 -22.58
C GLU B 67 -26.21 15.97 -23.30
N THR B 68 -25.04 15.78 -22.76
CA THR B 68 -23.79 16.38 -23.35
C THR B 68 -23.56 15.79 -24.75
N ALA B 69 -23.71 14.47 -24.91
CA ALA B 69 -23.49 13.78 -26.21
C ALA B 69 -24.52 14.31 -27.24
N ALA B 70 -25.78 14.58 -26.86
CA ALA B 70 -26.83 15.02 -27.80
C ALA B 70 -26.71 16.51 -28.08
N GLY B 71 -25.80 17.20 -27.43
CA GLY B 71 -25.64 18.66 -27.55
C GLY B 71 -26.75 19.44 -26.84
N ALA B 72 -27.44 18.82 -25.88
CA ALA B 72 -28.64 19.44 -25.28
C ALA B 72 -28.24 20.37 -24.14
N SER B 73 -29.14 21.25 -23.74
CA SER B 73 -28.99 21.99 -22.45
C SER B 73 -28.87 20.95 -21.31
N SER B 74 -27.86 21.16 -20.45
CA SER B 74 -27.64 20.33 -19.25
C SER B 74 -27.44 21.22 -18.02
N ALA B 75 -26.89 20.64 -16.95
CA ALA B 75 -26.62 21.32 -15.68
C ALA B 75 -25.51 22.37 -15.88
N ASP B 76 -25.54 23.42 -15.05
CA ASP B 76 -24.40 24.36 -14.88
C ASP B 76 -23.40 23.76 -13.89
N LEU B 77 -23.88 23.08 -12.86
CA LEU B 77 -23.06 22.62 -11.73
C LEU B 77 -23.50 21.23 -11.34
N LEU B 78 -22.55 20.34 -11.15
CA LEU B 78 -22.82 18.97 -10.68
CA LEU B 78 -22.80 18.95 -10.70
C LEU B 78 -22.24 18.80 -9.27
N TRP B 79 -23.00 18.26 -8.35
CA TRP B 79 -22.65 18.11 -6.94
C TRP B 79 -23.05 16.71 -6.48
N SER B 80 -22.11 15.81 -6.24
CA SER B 80 -22.44 14.39 -6.02
C SER B 80 -21.45 13.75 -5.06
N SER B 81 -21.98 12.82 -4.29
CA SER B 81 -21.22 12.01 -3.32
C SER B 81 -20.54 10.84 -4.01
N ALA B 82 -20.88 10.55 -5.26
CA ALA B 82 -20.28 9.44 -6.02
C ALA B 82 -18.94 9.90 -6.57
N MET B 83 -17.96 9.84 -5.73
CA MET B 83 -16.68 10.57 -5.97
C MET B 83 -16.00 10.03 -7.24
N GLU B 84 -16.02 8.71 -7.49
CA GLU B 84 -15.37 8.19 -8.72
C GLU B 84 -16.07 8.78 -9.95
N LEU B 85 -17.39 8.91 -9.94
CA LEU B 85 -18.08 9.33 -11.18
C LEU B 85 -17.82 10.82 -11.40
N GLN B 86 -17.77 11.62 -10.34
CA GLN B 86 -17.44 13.08 -10.45
C GLN B 86 -16.00 13.24 -10.95
N VAL B 87 -15.07 12.51 -10.36
CA VAL B 87 -13.63 12.64 -10.76
C VAL B 87 -13.50 12.16 -12.21
N LYS B 88 -14.25 11.12 -12.61
CA LYS B 88 -14.23 10.58 -14.00
C LYS B 88 -14.65 11.72 -14.94
N LEU B 89 -15.80 12.35 -14.69
CA LEU B 89 -16.29 13.43 -15.60
C LEU B 89 -15.27 14.54 -15.65
N ALA B 90 -14.78 14.99 -14.49
CA ALA B 90 -13.96 16.20 -14.39
C ALA B 90 -12.58 15.94 -15.00
N SER B 91 -12.17 14.67 -15.16
CA SER B 91 -10.88 14.34 -15.81
C SER B 91 -11.07 13.91 -17.27
N GLU B 92 -12.23 14.13 -17.87
CA GLU B 92 -12.50 13.67 -19.28
C GLU B 92 -13.02 14.82 -20.13
N GLY B 93 -12.96 16.07 -19.65
CA GLY B 93 -13.28 17.20 -20.56
C GLY B 93 -14.65 17.73 -20.25
N TYR B 94 -15.31 17.29 -19.18
CA TYR B 94 -16.67 17.80 -18.84
C TYR B 94 -16.57 19.00 -17.87
N ALA B 95 -15.40 19.35 -17.32
CA ALA B 95 -15.28 20.39 -16.26
C ALA B 95 -14.77 21.69 -16.84
N LEU B 96 -15.36 22.80 -16.44
CA LEU B 96 -14.85 24.17 -16.68
C LEU B 96 -13.72 24.42 -15.69
N PRO B 97 -12.48 24.66 -16.16
CA PRO B 97 -11.39 24.97 -15.26
C PRO B 97 -11.70 26.30 -14.57
N TYR B 98 -11.66 26.35 -13.26
CA TYR B 98 -11.93 27.57 -12.45
C TYR B 98 -11.23 27.40 -11.09
N ASP B 99 -10.27 28.25 -10.85
CA ASP B 99 -9.55 28.45 -9.55
C ASP B 99 -10.47 29.22 -8.57
N SER B 100 -11.17 28.53 -7.70
CA SER B 100 -12.05 29.20 -6.71
C SER B 100 -11.21 30.03 -5.76
N PRO B 101 -11.45 31.36 -5.63
CA PRO B 101 -10.75 32.18 -4.65
C PRO B 101 -11.15 31.79 -3.21
N GLU B 102 -12.11 30.90 -3.00
CA GLU B 102 -12.48 30.43 -1.66
C GLU B 102 -11.72 29.17 -1.29
N ALA B 103 -10.96 28.56 -2.21
CA ALA B 103 -10.34 27.23 -1.98
C ALA B 103 -8.83 27.35 -1.85
N LYS B 104 -8.29 28.53 -1.52
CA LYS B 104 -6.82 28.72 -1.50
C LYS B 104 -6.18 27.81 -0.44
N ASN B 105 -6.87 27.43 0.62
CA ASN B 105 -6.26 26.58 1.68
C ASN B 105 -6.77 25.14 1.55
N TRP B 106 -7.45 24.78 0.44
CA TRP B 106 -7.80 23.36 0.16
C TRP B 106 -6.51 22.56 0.03
N PRO B 107 -6.37 21.42 0.73
CA PRO B 107 -5.27 20.50 0.44
C PRO B 107 -5.40 20.00 -1.03
N ALA B 108 -4.28 19.67 -1.64
CA ALA B 108 -4.14 19.23 -3.04
C ALA B 108 -4.97 17.93 -3.21
N ASN B 109 -5.11 17.12 -2.18
CA ASN B 109 -5.91 15.87 -2.24
C ASN B 109 -7.39 16.13 -1.98
N ALA B 110 -7.83 17.40 -1.91
CA ALA B 110 -9.24 17.76 -1.81
C ALA B 110 -9.72 18.52 -3.03
N ARG B 111 -8.88 18.54 -4.08
CA ARG B 111 -9.27 19.24 -5.32
C ARG B 111 -8.56 18.55 -6.48
N LEU B 112 -9.17 18.58 -7.66
CA LEU B 112 -8.58 18.06 -8.89
C LEU B 112 -7.98 19.22 -9.63
N GLY B 113 -6.91 19.79 -9.09
CA GLY B 113 -6.41 21.12 -9.58
C GLY B 113 -7.50 22.16 -9.59
N ASN B 114 -7.79 22.76 -10.73
CA ASN B 114 -8.87 23.75 -10.92
C ASN B 114 -10.10 23.13 -11.59
N LEU B 115 -10.27 21.82 -11.48
CA LEU B 115 -11.35 21.15 -12.27
C LEU B 115 -12.52 20.72 -11.37
N ALA B 116 -12.31 20.45 -10.09
CA ALA B 116 -13.33 19.89 -9.21
C ALA B 116 -12.90 20.05 -7.76
N TYR B 117 -13.90 20.09 -6.85
CA TYR B 117 -13.61 20.45 -5.45
C TYR B 117 -14.35 19.58 -4.48
N SER B 118 -13.67 19.24 -3.39
CA SER B 118 -14.29 18.74 -2.14
C SER B 118 -15.17 19.84 -1.59
N THR B 119 -16.41 19.52 -1.23
CA THR B 119 -17.29 20.47 -0.48
C THR B 119 -17.60 20.00 0.95
N THR B 120 -17.26 18.75 1.32
CA THR B 120 -17.67 18.16 2.60
C THR B 120 -16.64 17.13 3.03
N LEU B 121 -16.74 16.69 4.27
CA LEU B 121 -15.97 15.57 4.86
C LEU B 121 -16.93 14.75 5.73
N GLU B 122 -17.70 13.87 5.11
CA GLU B 122 -18.90 13.25 5.69
C GLU B 122 -18.63 11.79 6.03
N PRO B 123 -18.82 11.38 7.30
CA PRO B 123 -18.54 10.03 7.71
C PRO B 123 -19.65 9.07 7.28
N ALA B 124 -19.27 7.82 7.00
CA ALA B 124 -20.19 6.66 6.94
C ALA B 124 -20.36 6.11 8.37
N VAL B 125 -21.57 6.13 8.89
CA VAL B 125 -21.82 5.82 10.33
C VAL B 125 -22.81 4.66 10.42
N VAL B 126 -23.09 4.27 11.65
CA VAL B 126 -24.17 3.36 12.02
C VAL B 126 -25.33 4.17 12.55
N VAL B 127 -26.56 3.90 12.09
CA VAL B 127 -27.78 4.40 12.75
C VAL B 127 -28.53 3.21 13.31
N TYR B 128 -29.28 3.43 14.37
CA TYR B 128 -30.09 2.34 14.97
C TYR B 128 -31.34 2.91 15.60
N ASN B 129 -32.29 2.04 15.87
CA ASN B 129 -33.56 2.41 16.53
C ASN B 129 -33.43 2.14 18.04
N LYS B 130 -33.44 3.19 18.83
CA LYS B 130 -33.17 3.12 20.29
C LYS B 130 -34.29 2.35 20.99
N ARG B 131 -35.49 2.21 20.40
CA ARG B 131 -36.59 1.40 20.97
C ARG B 131 -36.16 -0.07 20.96
N PHE B 132 -35.25 -0.50 20.07
CA PHE B 132 -34.95 -1.94 19.84
C PHE B 132 -33.51 -2.28 20.24
N LEU B 133 -32.58 -1.34 20.14
CA LEU B 133 -31.19 -1.50 20.58
C LEU B 133 -30.82 -0.29 21.43
N LYS B 134 -30.20 -0.58 22.57
CA LYS B 134 -29.69 0.45 23.49
C LYS B 134 -28.31 0.90 23.01
N PRO B 135 -27.92 2.15 23.26
CA PRO B 135 -26.59 2.61 22.91
C PRO B 135 -25.48 1.61 23.28
N GLU B 136 -25.58 0.98 24.44
CA GLU B 136 -24.52 0.06 24.94
C GLU B 136 -24.54 -1.26 24.16
N GLU B 137 -25.62 -1.62 23.46
CA GLU B 137 -25.69 -2.86 22.66
C GLU B 137 -25.16 -2.63 21.24
N VAL B 138 -24.84 -1.39 20.85
CA VAL B 138 -24.40 -1.07 19.46
C VAL B 138 -22.89 -0.95 19.44
N PRO B 139 -22.16 -1.95 18.93
CA PRO B 139 -20.71 -1.87 18.88
C PRO B 139 -20.28 -0.80 17.87
N THR B 140 -19.09 -0.25 18.11
CA THR B 140 -18.49 0.82 17.32
C THR B 140 -17.34 0.24 16.53
N THR B 141 -17.24 -1.08 16.41
CA THR B 141 -16.19 -1.70 15.58
C THR B 141 -16.87 -2.65 14.58
N ARG B 142 -16.25 -2.82 13.41
CA ARG B 142 -16.63 -3.88 12.44
C ARG B 142 -16.68 -5.27 13.11
N GLU B 143 -15.69 -5.67 13.91
CA GLU B 143 -15.68 -7.03 14.53
C GLU B 143 -16.82 -7.14 15.56
N GLY B 144 -17.07 -6.09 16.33
CA GLY B 144 -18.20 -6.07 17.30
C GLY B 144 -19.53 -6.18 16.56
N LEU B 145 -19.68 -5.46 15.46
CA LEU B 145 -20.91 -5.54 14.63
C LEU B 145 -21.06 -6.93 14.03
N ALA B 146 -19.99 -7.54 13.54
CA ALA B 146 -20.05 -8.93 13.04
C ALA B 146 -20.58 -9.84 14.15
N ARG B 147 -20.12 -9.62 15.38
CA ARG B 147 -20.58 -10.42 16.55
C ARG B 147 -22.07 -10.14 16.83
N LEU B 148 -22.51 -8.88 16.85
CA LEU B 148 -23.95 -8.54 17.09
C LEU B 148 -24.82 -9.24 16.02
N LEU B 149 -24.33 -9.30 14.78
CA LEU B 149 -25.13 -9.81 13.64
C LEU B 149 -25.19 -11.35 13.68
N GLN B 150 -24.47 -12.02 14.60
CA GLN B 150 -24.67 -13.47 14.82
C GLN B 150 -25.96 -13.69 15.62
N GLU B 151 -26.53 -12.67 16.26
CA GLU B 151 -27.68 -12.87 17.19
C GLU B 151 -28.93 -13.13 16.36
N PRO B 152 -29.69 -14.19 16.67
CA PRO B 152 -30.92 -14.47 15.91
C PRO B 152 -31.90 -13.27 15.92
N ARG B 153 -31.96 -12.50 16.99
CA ARG B 153 -32.85 -11.30 17.04
C ARG B 153 -32.45 -10.29 15.93
N MET B 154 -31.25 -10.38 15.37
CA MET B 154 -30.80 -9.38 14.37
C MET B 154 -31.14 -9.87 12.99
N ARG B 155 -31.62 -11.11 12.82
CA ARG B 155 -31.82 -11.64 11.43
C ARG B 155 -32.95 -10.85 10.77
N GLY B 156 -32.75 -10.24 9.61
CA GLY B 156 -33.79 -9.40 8.96
C GLY B 156 -33.84 -7.97 9.52
N ARG B 157 -32.95 -7.63 10.46
CA ARG B 157 -33.00 -6.34 11.18
C ARG B 157 -31.80 -5.46 10.83
N VAL B 158 -31.15 -5.68 9.69
CA VAL B 158 -29.94 -4.91 9.26
C VAL B 158 -30.18 -4.35 7.88
N ALA B 159 -29.81 -3.10 7.67
CA ALA B 159 -29.80 -2.45 6.34
C ALA B 159 -28.38 -2.03 6.01
N THR B 160 -28.02 -2.06 4.74
CA THR B 160 -26.79 -1.39 4.25
C THR B 160 -27.01 -1.02 2.79
N TRP B 161 -25.97 -0.50 2.17
CA TRP B 161 -25.98 -0.06 0.76
C TRP B 161 -26.15 -1.28 -0.16
N ASP B 162 -26.79 -1.08 -1.29
CA ASP B 162 -26.61 -1.94 -2.47
C ASP B 162 -25.59 -1.24 -3.37
N PRO B 163 -24.33 -1.73 -3.42
CA PRO B 163 -23.27 -1.06 -4.18
C PRO B 163 -23.43 -1.30 -5.69
N GLU B 164 -24.36 -2.13 -6.11
CA GLU B 164 -24.73 -2.30 -7.54
C GLU B 164 -25.80 -1.30 -7.99
N ARG B 165 -26.50 -0.59 -7.07
CA ARG B 165 -27.56 0.34 -7.51
C ARG B 165 -27.24 1.77 -7.10
N SER B 166 -26.36 1.97 -6.10
CA SER B 166 -25.95 3.31 -5.65
C SER B 166 -24.48 3.45 -5.96
N ALA B 167 -24.09 4.45 -6.76
CA ALA B 167 -22.66 4.62 -7.09
C ALA B 167 -21.90 5.08 -5.83
N VAL B 168 -22.53 5.82 -4.91
CA VAL B 168 -21.88 6.21 -3.63
C VAL B 168 -21.87 5.02 -2.65
N GLY B 169 -22.89 4.19 -2.67
CA GLY B 169 -22.85 2.91 -1.95
C GLY B 169 -21.55 2.17 -2.29
N PHE B 170 -21.25 2.10 -3.57
CA PHE B 170 -20.01 1.47 -4.08
C PHE B 170 -18.79 2.25 -3.55
N THR B 171 -18.78 3.57 -3.70
CA THR B 171 -17.70 4.42 -3.16
C THR B 171 -17.44 4.06 -1.70
N ILE B 172 -18.51 3.97 -0.90
CA ILE B 172 -18.30 3.81 0.56
C ILE B 172 -17.86 2.38 0.88
N LEU B 173 -18.59 1.38 0.37
CA LEU B 173 -18.27 -0.03 0.73
C LEU B 173 -16.94 -0.44 0.10
N LYS B 174 -16.60 0.05 -1.10
CA LYS B 174 -15.29 -0.29 -1.75
C LYS B 174 -14.14 0.28 -0.90
N ALA B 175 -14.26 1.54 -0.44
CA ALA B 175 -13.23 2.15 0.44
C ALA B 175 -13.16 1.36 1.76
N ASP B 176 -14.28 0.89 2.29
CA ASP B 176 -14.32 0.07 3.52
C ASP B 176 -13.55 -1.23 3.27
N TYR B 177 -13.92 -1.93 2.22
CA TYR B 177 -13.26 -3.18 1.77
C TYR B 177 -11.76 -2.96 1.57
N ASP B 178 -11.36 -1.90 0.90
CA ASP B 178 -9.92 -1.64 0.61
C ASP B 178 -9.14 -1.36 1.92
N ARG B 179 -9.71 -0.64 2.89
CA ARG B 179 -8.92 -0.09 4.04
C ARG B 179 -9.03 -0.99 5.27
N PHE B 180 -10.10 -1.74 5.49
CA PHE B 180 -10.37 -2.41 6.80
C PHE B 180 -10.55 -3.90 6.56
N PRO B 181 -9.53 -4.74 6.86
CA PRO B 181 -9.69 -6.17 6.77
C PRO B 181 -10.97 -6.71 7.43
N ALA B 182 -11.31 -6.17 8.60
CA ALA B 182 -12.49 -6.59 9.40
C ALA B 182 -13.80 -6.39 8.60
N PHE B 183 -13.81 -5.57 7.56
CA PHE B 183 -14.98 -5.41 6.67
C PHE B 183 -15.40 -6.76 6.11
N GLN B 184 -14.47 -7.66 5.84
CA GLN B 184 -14.83 -8.98 5.23
C GLN B 184 -15.69 -9.81 6.17
N GLU B 185 -15.29 -9.89 7.44
CA GLU B 185 -16.02 -10.58 8.52
C GLU B 185 -17.40 -9.90 8.64
N LEU B 186 -17.44 -8.56 8.60
CA LEU B 186 -18.72 -7.84 8.68
C LEU B 186 -19.64 -8.22 7.51
N ALA B 187 -19.12 -8.24 6.27
CA ALA B 187 -19.94 -8.47 5.07
C ALA B 187 -20.54 -9.89 5.14
N ARG B 188 -19.78 -10.88 5.63
CA ARG B 188 -20.30 -12.26 5.81
C ARG B 188 -21.41 -12.20 6.88
N ALA B 189 -21.26 -11.38 7.94
CA ALA B 189 -22.30 -11.26 8.98
C ALA B 189 -23.53 -10.58 8.36
N PHE B 190 -23.38 -9.71 7.32
CA PHE B 190 -24.56 -9.16 6.62
C PHE B 190 -25.31 -10.35 6.01
N GLY B 191 -24.58 -11.30 5.42
CA GLY B 191 -25.14 -12.55 4.89
C GLY B 191 -25.86 -13.33 5.96
N LYS B 192 -25.19 -13.59 7.06
CA LYS B 192 -25.78 -14.35 8.19
C LYS B 192 -27.09 -13.66 8.63
N ALA B 193 -27.11 -12.34 8.77
CA ALA B 193 -28.26 -11.61 9.34
C ALA B 193 -29.26 -11.28 8.21
N GLN B 194 -28.98 -11.72 6.98
CA GLN B 194 -29.81 -11.48 5.77
C GLN B 194 -30.05 -9.98 5.64
N ALA B 195 -28.98 -9.18 5.62
CA ALA B 195 -29.08 -7.70 5.45
C ALA B 195 -29.95 -7.39 4.22
N ALA B 196 -30.81 -6.37 4.33
CA ALA B 196 -31.50 -5.80 3.15
C ALA B 196 -30.61 -4.66 2.63
N LEU B 197 -30.54 -4.50 1.30
CA LEU B 197 -29.63 -3.56 0.63
C LEU B 197 -30.47 -2.46 -0.02
N TYR B 198 -30.08 -1.19 0.15
CA TYR B 198 -30.86 -0.02 -0.28
C TYR B 198 -30.01 0.87 -1.16
N SER B 199 -30.67 1.54 -2.09
CA SER B 199 -30.01 2.41 -3.08
C SER B 199 -30.02 3.85 -2.60
N SER B 200 -30.61 4.15 -1.45
CA SER B 200 -30.64 5.52 -0.90
C SER B 200 -30.73 5.51 0.64
N THR B 201 -30.19 6.55 1.27
CA THR B 201 -30.16 6.67 2.72
C THR B 201 -31.60 6.68 3.23
N GLY B 202 -32.50 7.38 2.57
CA GLY B 202 -33.86 7.61 3.05
C GLY B 202 -34.64 6.31 3.04
N ALA B 203 -34.37 5.40 2.11
CA ALA B 203 -35.11 4.12 2.09
C ALA B 203 -34.63 3.30 3.28
N ALA B 204 -33.34 3.33 3.60
CA ALA B 204 -32.83 2.56 4.75
C ALA B 204 -33.37 3.21 6.02
N PHE B 205 -33.25 4.53 6.18
CA PHE B 205 -33.70 5.26 7.38
C PHE B 205 -35.19 4.98 7.67
N GLU B 206 -36.03 4.93 6.64
CA GLU B 206 -37.49 4.72 6.80
C GLU B 206 -37.69 3.38 7.54
N LYS B 207 -36.93 2.36 7.18
CA LYS B 207 -37.12 0.98 7.74
C LYS B 207 -36.54 0.89 9.15
N VAL B 208 -35.43 1.58 9.42
CA VAL B 208 -34.86 1.64 10.80
C VAL B 208 -35.89 2.36 11.71
N ILE B 209 -36.46 3.47 11.23
CA ILE B 209 -37.39 4.28 12.03
C ILE B 209 -38.70 3.51 12.29
N SER B 210 -39.20 2.73 11.33
CA SER B 210 -40.42 1.91 11.56
C SER B 210 -40.09 0.74 12.50
N GLY B 211 -38.83 0.30 12.59
CA GLY B 211 -38.40 -0.89 13.34
C GLY B 211 -38.36 -2.16 12.48
N GLU B 212 -38.68 -2.08 11.19
CA GLU B 212 -38.56 -3.23 10.27
C GLU B 212 -37.08 -3.67 10.28
N HIS B 213 -36.15 -2.71 10.37
CA HIS B 213 -34.71 -2.93 10.69
C HIS B 213 -34.39 -2.18 11.98
N TYR B 214 -33.41 -2.68 12.73
CA TYR B 214 -32.98 -2.10 14.02
C TYR B 214 -31.72 -1.26 13.78
N LEU B 215 -30.98 -1.52 12.70
CA LEU B 215 -29.60 -1.00 12.51
C LEU B 215 -29.33 -0.84 11.02
N ALA B 216 -28.67 0.24 10.62
CA ALA B 216 -28.22 0.49 9.24
C ALA B 216 -26.76 0.90 9.26
N TYR B 217 -25.97 0.31 8.36
CA TYR B 217 -24.51 0.49 8.26
C TYR B 217 -24.12 1.22 6.97
N GLY B 218 -23.35 2.30 7.13
CA GLY B 218 -22.59 2.92 6.04
C GLY B 218 -23.24 4.15 5.46
N PHE B 219 -24.38 4.61 5.99
CA PHE B 219 -25.09 5.81 5.48
C PHE B 219 -24.50 7.08 6.11
N PHE B 220 -24.85 8.23 5.53
CA PHE B 220 -24.20 9.51 5.83
C PHE B 220 -24.58 10.00 7.21
N GLY B 221 -23.55 10.37 8.00
CA GLY B 221 -23.72 11.08 9.28
C GLY B 221 -24.53 12.34 9.11
N SER B 222 -24.33 13.05 8.01
CA SER B 222 -25.04 14.32 7.70
C SER B 222 -26.53 14.11 7.80
N TYR B 223 -27.03 13.10 7.08
CA TYR B 223 -28.48 12.82 7.00
C TYR B 223 -28.93 12.31 8.38
N ALA B 224 -28.14 11.51 9.06
CA ALA B 224 -28.52 10.97 10.38
C ALA B 224 -28.72 12.13 11.37
N LEU B 225 -27.77 13.08 11.48
CA LEU B 225 -27.87 14.26 12.38
C LEU B 225 -29.12 15.05 12.07
N LEU B 226 -29.39 15.30 10.79
CA LEU B 226 -30.58 16.10 10.42
C LEU B 226 -31.83 15.32 10.82
N ARG B 227 -31.87 14.01 10.55
CA ARG B 227 -33.08 13.22 10.83
C ARG B 227 -33.36 13.20 12.35
N GLN B 228 -32.32 13.09 13.17
CA GLN B 228 -32.37 13.05 14.64
C GLN B 228 -33.17 14.23 15.19
N ARG B 229 -33.10 15.41 14.57
CA ARG B 229 -33.78 16.61 15.11
CA ARG B 229 -33.79 16.64 15.06
C ARG B 229 -35.28 16.36 15.24
N THR B 230 -35.87 15.58 14.33
CA THR B 230 -37.34 15.31 14.33
C THR B 230 -37.66 13.87 14.78
N VAL B 231 -36.67 12.97 14.86
CA VAL B 231 -36.89 11.53 15.15
C VAL B 231 -35.99 11.14 16.32
N LYS B 232 -36.57 11.12 17.52
CA LYS B 232 -35.81 11.00 18.78
C LYS B 232 -35.29 9.55 18.93
N ASP B 233 -35.92 8.56 18.32
CA ASP B 233 -35.52 7.15 18.47
C ASP B 233 -34.33 6.78 17.54
N LEU B 234 -33.88 7.72 16.68
CA LEU B 234 -32.76 7.39 15.79
C LEU B 234 -31.45 7.65 16.54
N GLY B 235 -30.69 6.60 16.81
CA GLY B 235 -29.33 6.70 17.36
C GLY B 235 -28.28 6.66 16.28
N ILE B 236 -27.14 7.29 16.56
CA ILE B 236 -25.96 7.30 15.68
C ILE B 236 -24.81 6.72 16.48
N ALA B 237 -24.05 5.81 15.88
CA ALA B 237 -22.80 5.31 16.45
C ALA B 237 -21.74 5.56 15.39
N TYR B 238 -20.63 6.12 15.83
CA TYR B 238 -19.44 6.36 15.02
C TYR B 238 -18.51 5.17 15.19
N LEU B 239 -17.94 4.66 14.09
CA LEU B 239 -16.92 3.59 14.15
C LEU B 239 -15.58 4.12 14.73
N THR B 240 -15.06 3.45 15.76
CA THR B 240 -13.81 3.83 16.45
C THR B 240 -12.63 3.01 15.91
N ASP B 241 -12.88 1.97 15.09
CA ASP B 241 -11.81 1.14 14.47
C ASP B 241 -11.43 1.73 13.11
N GLY B 242 -12.08 2.77 12.65
CA GLY B 242 -11.80 3.40 11.36
C GLY B 242 -13.10 3.81 10.68
N THR B 243 -13.17 5.07 10.29
CA THR B 243 -14.36 5.63 9.61
C THR B 243 -13.96 6.04 8.20
N VAL B 244 -14.77 5.68 7.22
CA VAL B 244 -14.65 6.15 5.82
C VAL B 244 -15.34 7.52 5.78
N ALA B 245 -14.72 8.51 5.16
CA ALA B 245 -15.35 9.82 4.91
C ALA B 245 -15.35 10.06 3.40
N ILE B 246 -16.52 10.41 2.87
CA ILE B 246 -16.67 10.84 1.46
C ILE B 246 -16.57 12.36 1.45
N GLN B 247 -16.12 12.90 0.33
CA GLN B 247 -16.10 14.33 0.03
C GLN B 247 -17.01 14.52 -1.17
N ARG B 248 -18.16 15.15 -0.98
CA ARG B 248 -19.04 15.46 -2.11
C ARG B 248 -18.25 16.35 -3.05
N VAL B 249 -18.23 16.01 -4.30
CA VAL B 249 -17.42 16.73 -5.31
C VAL B 249 -18.33 17.65 -6.11
N ALA B 250 -17.95 18.89 -6.23
CA ALA B 250 -18.61 19.88 -7.11
C ALA B 250 -17.67 20.21 -8.27
N PHE B 251 -18.23 20.35 -9.44
CA PHE B 251 -17.54 20.94 -10.59
C PHE B 251 -18.54 21.65 -11.47
N ILE B 252 -18.04 22.55 -12.28
CA ILE B 252 -18.84 23.36 -13.22
C ILE B 252 -18.79 22.68 -14.58
N ASN B 253 -19.95 22.58 -15.22
CA ASN B 253 -20.09 22.05 -16.59
C ASN B 253 -19.29 22.96 -17.48
N LYS B 254 -18.32 22.39 -18.17
CA LYS B 254 -17.59 23.10 -19.24
C LYS B 254 -18.60 23.72 -20.19
N ARG B 255 -19.72 23.07 -20.50
CA ARG B 255 -20.70 23.60 -21.50
C ARG B 255 -21.86 24.30 -20.78
N ALA B 256 -21.69 24.71 -19.54
CA ALA B 256 -22.70 25.47 -18.76
C ALA B 256 -23.20 26.65 -19.60
N ALA B 257 -24.51 26.79 -19.73
CA ALA B 257 -25.15 27.99 -20.29
C ALA B 257 -24.97 29.14 -19.28
N HIS B 258 -24.88 28.82 -17.98
CA HIS B 258 -24.72 29.84 -16.90
C HIS B 258 -23.45 29.59 -16.07
N PRO B 259 -22.25 29.70 -16.66
CA PRO B 259 -21.01 29.44 -15.96
C PRO B 259 -20.74 30.38 -14.78
N ASN B 260 -21.14 31.63 -14.87
CA ASN B 260 -20.81 32.64 -13.85
C ASN B 260 -21.67 32.38 -12.62
N ALA B 261 -22.93 32.00 -12.81
CA ALA B 261 -23.81 31.65 -11.68
C ALA B 261 -23.23 30.40 -11.01
N ALA B 262 -22.74 29.44 -11.81
CA ALA B 262 -22.12 28.21 -11.26
C ALA B 262 -20.88 28.56 -10.43
N LYS B 263 -20.08 29.50 -10.90
CA LYS B 263 -18.90 29.98 -10.14
C LYS B 263 -19.30 30.54 -8.77
N LEU B 264 -20.32 31.39 -8.72
CA LEU B 264 -20.81 32.03 -7.49
C LEU B 264 -21.25 30.93 -6.55
N PHE B 265 -21.99 29.94 -7.04
CA PHE B 265 -22.51 28.86 -6.15
C PHE B 265 -21.35 28.01 -5.61
N LEU B 266 -20.35 27.71 -6.47
CA LEU B 266 -19.23 26.85 -6.05
C LEU B 266 -18.47 27.61 -4.95
N ASP B 267 -18.12 28.89 -5.18
CA ASP B 267 -17.43 29.76 -4.22
C ASP B 267 -18.27 29.81 -2.92
N TYR B 268 -19.57 29.94 -3.01
CA TYR B 268 -20.47 29.97 -1.83
C TYR B 268 -20.27 28.67 -1.04
N LEU B 269 -20.35 27.52 -1.70
CA LEU B 269 -20.22 26.20 -1.06
C LEU B 269 -18.88 26.11 -0.34
N LEU B 270 -17.81 26.65 -0.92
CA LEU B 270 -16.43 26.51 -0.37
C LEU B 270 -16.16 27.57 0.71
N SER B 271 -16.88 28.69 0.67
CA SER B 271 -16.68 29.86 1.54
C SER B 271 -16.87 29.46 3.03
N LEU B 272 -16.34 30.29 3.91
CA LEU B 272 -16.66 30.23 5.35
C LEU B 272 -18.16 30.29 5.56
N ARG B 273 -18.84 31.22 4.93
CA ARG B 273 -20.28 31.38 5.13
C ARG B 273 -21.00 30.04 4.77
N GLY B 274 -20.67 29.41 3.67
CA GLY B 274 -21.37 28.20 3.18
C GLY B 274 -21.01 27.00 4.04
N GLN B 275 -19.73 26.89 4.43
CA GLN B 275 -19.29 25.77 5.26
C GLN B 275 -19.86 25.93 6.66
N ASN B 276 -19.98 27.15 7.14
CA ASN B 276 -20.57 27.39 8.49
C ASN B 276 -22.04 26.99 8.46
N LEU B 277 -22.77 27.38 7.43
CA LEU B 277 -24.18 26.96 7.28
C LEU B 277 -24.27 25.43 7.20
N MET B 278 -23.35 24.76 6.54
CA MET B 278 -23.32 23.29 6.51
C MET B 278 -23.23 22.81 7.95
N ALA B 279 -22.25 23.34 8.68
CA ALA B 279 -21.87 22.78 9.99
C ALA B 279 -22.99 23.03 11.02
N TYR B 280 -23.65 24.13 10.91
CA TYR B 280 -24.51 24.69 11.97
C TYR B 280 -25.98 24.35 11.76
N THR B 281 -26.48 24.48 10.53
CA THR B 281 -27.91 24.52 10.18
C THR B 281 -28.29 23.36 9.25
N ALA B 282 -27.56 23.12 8.17
CA ALA B 282 -27.85 22.02 7.22
C ALA B 282 -27.47 20.67 7.84
N LEU B 283 -26.53 20.68 8.77
CA LEU B 283 -25.94 19.49 9.44
C LEU B 283 -25.33 18.60 8.36
N ILE B 284 -24.68 19.21 7.38
CA ILE B 284 -23.76 18.53 6.42
C ILE B 284 -22.35 18.69 7.01
N PHE B 285 -21.65 17.58 7.23
CA PHE B 285 -20.30 17.65 7.81
C PHE B 285 -19.41 18.47 6.85
N ALA B 286 -18.90 19.61 7.31
CA ALA B 286 -18.12 20.55 6.50
C ALA B 286 -16.73 20.02 6.22
N ARG B 287 -16.12 20.51 5.17
CA ARG B 287 -14.70 20.28 4.77
C ARG B 287 -13.79 21.26 5.53
N ARG B 288 -14.19 22.51 5.72
CA ARG B 288 -13.32 23.52 6.35
C ARG B 288 -13.20 23.20 7.83
N GLU B 289 -11.99 23.34 8.37
CA GLU B 289 -11.71 23.04 9.79
C GLU B 289 -12.19 24.21 10.65
N THR B 290 -12.18 25.43 10.13
CA THR B 290 -12.42 26.63 10.96
C THR B 290 -13.85 27.04 10.80
N VAL B 291 -14.80 26.20 11.28
CA VAL B 291 -16.28 26.31 11.27
C VAL B 291 -16.83 26.06 12.68
N VAL B 292 -18.06 26.47 12.92
CA VAL B 292 -18.82 26.28 14.18
C VAL B 292 -20.14 25.57 13.85
N GLY B 293 -20.51 24.57 14.65
CA GLY B 293 -21.75 23.79 14.45
C GLY B 293 -21.62 22.41 15.04
N GLU B 294 -22.55 21.50 14.75
CA GLU B 294 -22.57 20.09 15.20
C GLU B 294 -21.76 19.26 14.18
N ALA B 295 -21.90 19.57 12.88
CA ALA B 295 -21.39 18.72 11.81
C ALA B 295 -20.08 19.33 11.31
N THR B 296 -19.00 19.14 12.07
CA THR B 296 -17.65 19.71 11.79
C THR B 296 -16.60 18.60 11.78
N PRO B 297 -15.43 18.82 11.15
CA PRO B 297 -14.30 17.93 11.31
C PRO B 297 -13.93 17.65 12.78
N GLN B 298 -13.84 18.70 13.58
CA GLN B 298 -13.57 18.62 15.03
C GLN B 298 -14.60 17.67 15.70
N ALA B 299 -15.88 17.80 15.47
CA ALA B 299 -16.90 16.89 16.03
C ALA B 299 -16.70 15.45 15.51
N LEU B 300 -16.38 15.30 14.24
CA LEU B 300 -16.15 13.95 13.65
C LEU B 300 -14.95 13.28 14.33
N TYR B 301 -13.83 14.00 14.38
CA TYR B 301 -12.56 13.49 14.94
C TYR B 301 -12.77 13.10 16.41
N LYS B 302 -13.56 13.89 17.13
CA LYS B 302 -13.79 13.60 18.55
C LYS B 302 -14.61 12.32 18.66
N ALA B 303 -15.63 12.15 17.82
CA ALA B 303 -16.52 10.97 17.85
C ALA B 303 -15.76 9.68 17.50
N VAL B 304 -14.80 9.73 16.60
CA VAL B 304 -14.11 8.47 16.15
C VAL B 304 -12.85 8.17 16.98
N GLY B 305 -12.36 9.10 17.78
CA GLY B 305 -11.15 8.91 18.62
C GLY B 305 -9.92 9.42 17.88
N GLY B 306 -10.10 10.28 16.88
CA GLY B 306 -9.02 11.10 16.34
C GLY B 306 -8.98 11.08 14.84
N LYS B 307 -8.41 12.11 14.24
CA LYS B 307 -8.26 12.30 12.77
C LYS B 307 -7.62 11.05 12.11
N ASP B 308 -6.62 10.42 12.76
CA ASP B 308 -5.93 9.18 12.31
C ASP B 308 -6.93 8.03 12.13
N LYS B 309 -8.16 8.10 12.70
CA LYS B 309 -9.15 7.00 12.59
C LYS B 309 -10.08 7.29 11.41
N VAL B 310 -9.87 8.40 10.70
CA VAL B 310 -10.71 8.75 9.51
C VAL B 310 -9.87 8.49 8.26
N TYR B 311 -10.37 7.67 7.34
CA TYR B 311 -9.92 7.61 5.94
C TYR B 311 -10.80 8.50 5.10
N ALA B 312 -10.28 9.64 4.72
CA ALA B 312 -10.93 10.61 3.83
C ALA B 312 -10.55 10.20 2.39
N ILE B 313 -11.55 9.75 1.61
CA ILE B 313 -11.34 9.43 0.19
C ILE B 313 -10.90 10.70 -0.52
N PRO B 314 -9.77 10.65 -1.25
CA PRO B 314 -9.23 11.84 -1.87
C PRO B 314 -9.99 12.21 -3.13
N VAL B 315 -10.03 13.51 -3.40
CA VAL B 315 -10.53 14.01 -4.69
C VAL B 315 -9.33 13.95 -5.67
N SER B 316 -9.13 12.79 -6.26
CA SER B 316 -7.93 12.42 -7.04
C SER B 316 -8.33 11.49 -8.18
N THR B 317 -7.63 11.52 -9.31
CA THR B 317 -7.80 10.51 -10.38
C THR B 317 -7.28 9.16 -9.91
N GLU B 318 -6.51 9.08 -8.83
CA GLU B 318 -6.07 7.75 -8.31
C GLU B 318 -7.28 6.88 -7.94
N ILE B 319 -8.39 7.47 -7.56
CA ILE B 319 -9.56 6.65 -7.10
C ILE B 319 -10.30 6.04 -8.31
N LEU B 320 -9.93 6.39 -9.53
CA LEU B 320 -10.58 5.79 -10.74
C LEU B 320 -10.16 4.31 -10.86
N LYS B 321 -9.19 3.90 -10.09
CA LYS B 321 -8.80 2.46 -10.00
C LYS B 321 -10.04 1.66 -9.58
N ASN B 322 -10.90 2.23 -8.74
CA ASN B 322 -12.13 1.56 -8.25
C ASN B 322 -13.08 1.25 -9.42
N LEU B 323 -12.99 1.97 -10.53
CA LEU B 323 -13.81 1.69 -11.75
C LEU B 323 -13.14 0.69 -12.69
N ASP B 324 -11.92 0.26 -12.44
CA ASP B 324 -11.23 -0.74 -13.31
C ASP B 324 -12.06 -2.03 -13.25
N PRO B 325 -12.28 -2.70 -14.40
CA PRO B 325 -12.95 -4.01 -14.41
C PRO B 325 -12.45 -5.07 -13.41
N ALA B 326 -11.15 -5.27 -13.23
CA ALA B 326 -10.61 -6.28 -12.31
C ALA B 326 -10.91 -5.90 -10.86
N GLU B 327 -10.90 -4.64 -10.56
CA GLU B 327 -11.11 -4.11 -9.20
C GLU B 327 -12.61 -4.20 -8.88
N ARG B 328 -13.51 -3.90 -9.82
CA ARG B 328 -14.96 -4.07 -9.61
C ARG B 328 -15.26 -5.56 -9.49
N MET B 329 -14.60 -6.42 -10.25
CA MET B 329 -14.84 -7.88 -10.13
C MET B 329 -14.40 -8.37 -8.73
N ARG B 330 -13.21 -8.04 -8.27
CA ARG B 330 -12.74 -8.48 -6.92
C ARG B 330 -13.75 -8.09 -5.85
N PHE B 331 -14.15 -6.83 -5.82
CA PHE B 331 -15.05 -6.25 -4.80
C PHE B 331 -16.40 -6.93 -4.92
N LEU B 332 -17.00 -6.89 -6.10
CA LEU B 332 -18.37 -7.38 -6.22
C LEU B 332 -18.43 -8.89 -6.08
N THR B 333 -17.44 -9.65 -6.57
CA THR B 333 -17.50 -11.11 -6.41
C THR B 333 -17.53 -11.39 -4.90
N PHE B 334 -16.69 -10.74 -4.13
CA PHE B 334 -16.56 -10.96 -2.67
C PHE B 334 -17.87 -10.53 -1.99
N TRP B 335 -18.38 -9.37 -2.38
CA TRP B 335 -19.58 -8.74 -1.79
C TRP B 335 -20.79 -9.62 -2.00
N ARG B 336 -21.07 -9.99 -3.24
CA ARG B 336 -22.26 -10.79 -3.61
C ARG B 336 -22.22 -12.15 -2.94
N GLN B 337 -21.07 -12.79 -2.89
CA GLN B 337 -20.96 -14.10 -2.19
C GLN B 337 -21.20 -13.88 -0.67
N ALA B 338 -20.63 -12.82 -0.06
CA ALA B 338 -20.65 -12.64 1.41
C ALA B 338 -22.08 -12.39 1.90
N VAL B 339 -22.83 -11.54 1.21
CA VAL B 339 -24.14 -11.03 1.67
C VAL B 339 -25.31 -11.90 1.18
N ARG B 340 -25.07 -12.91 0.36
CA ARG B 340 -26.08 -13.90 -0.14
C ARG B 340 -26.73 -14.68 1.02
N SER C 5 17.55 -46.94 9.56
CA SER C 5 17.68 -47.03 8.07
C SER C 5 18.76 -46.05 7.56
N ARG C 6 18.95 -45.95 6.23
CA ARG C 6 19.80 -44.91 5.56
C ARG C 6 18.95 -44.06 4.61
N PRO C 7 18.89 -42.71 4.77
CA PRO C 7 18.11 -41.87 3.86
C PRO C 7 18.36 -42.24 2.39
N ALA C 8 17.37 -42.01 1.52
CA ALA C 8 17.36 -42.43 0.10
C ALA C 8 18.13 -41.45 -0.81
N SER C 9 18.98 -40.57 -0.26
CA SER C 9 19.79 -39.67 -1.10
C SER C 9 20.54 -40.43 -2.21
N ASP C 10 20.53 -39.89 -3.43
CA ASP C 10 21.16 -40.45 -4.66
C ASP C 10 22.65 -40.69 -4.39
N PRO C 11 23.21 -41.83 -4.83
CA PRO C 11 24.66 -42.07 -4.76
C PRO C 11 25.55 -40.96 -5.34
N GLN C 12 25.20 -40.35 -6.48
CA GLN C 12 26.04 -39.28 -7.08
C GLN C 12 26.01 -38.02 -6.21
N VAL C 13 24.92 -37.77 -5.47
CA VAL C 13 24.82 -36.64 -4.49
C VAL C 13 25.76 -36.95 -3.31
N VAL C 14 25.80 -38.20 -2.85
CA VAL C 14 26.72 -38.62 -1.74
C VAL C 14 28.16 -38.30 -2.16
N GLU C 15 28.55 -38.64 -3.39
CA GLU C 15 29.94 -38.46 -3.88
C GLU C 15 30.24 -36.97 -4.04
N ALA C 16 29.31 -36.20 -4.59
CA ALA C 16 29.48 -34.73 -4.70
C ALA C 16 29.59 -34.13 -3.29
N ALA C 17 28.85 -34.65 -2.30
CA ALA C 17 28.96 -34.15 -0.90
C ALA C 17 30.35 -34.46 -0.32
N ARG C 18 30.90 -35.62 -0.65
CA ARG C 18 32.25 -35.99 -0.17
C ARG C 18 33.29 -34.99 -0.69
N LYS C 19 33.16 -34.53 -1.93
CA LYS C 19 34.07 -33.50 -2.53
C LYS C 19 33.96 -32.20 -1.71
N GLU C 20 32.74 -31.81 -1.33
CA GLU C 20 32.47 -30.57 -0.56
C GLU C 20 33.07 -30.72 0.86
N GLY C 21 32.78 -31.83 1.55
CA GLY C 21 33.39 -32.17 2.85
C GLY C 21 32.90 -31.29 4.00
N ARG C 22 31.91 -30.41 3.78
CA ARG C 22 31.52 -29.39 4.78
C ARG C 22 30.02 -29.10 4.68
N LEU C 23 29.42 -28.71 5.79
CA LEU C 23 27.99 -28.29 5.81
C LEU C 23 27.83 -27.15 6.81
N ILE C 24 27.36 -25.99 6.34
CA ILE C 24 27.12 -24.82 7.22
C ILE C 24 25.62 -24.68 7.40
N ILE C 25 25.15 -24.72 8.64
CA ILE C 25 23.71 -24.63 8.95
C ILE C 25 23.49 -23.34 9.73
N TYR C 26 22.52 -22.51 9.35
CA TYR C 26 21.96 -21.52 10.29
C TYR C 26 20.64 -22.08 10.80
N SER C 27 20.55 -22.29 12.12
CA SER C 27 19.36 -22.94 12.75
C SER C 27 18.92 -22.16 13.97
N SER C 28 17.62 -22.04 14.18
CA SER C 28 17.02 -21.54 15.43
C SER C 28 16.87 -22.69 16.44
N THR C 29 17.09 -23.92 16.01
CA THR C 29 16.85 -25.10 16.88
C THR C 29 17.95 -25.14 17.93
N ALA C 30 17.61 -24.99 19.21
CA ALA C 30 18.55 -25.11 20.35
C ALA C 30 19.55 -26.27 20.10
N GLN C 31 20.83 -25.98 20.30
CA GLN C 31 21.91 -27.01 20.25
C GLN C 31 21.53 -28.21 21.14
N SER C 32 20.89 -27.99 22.29
CA SER C 32 20.51 -29.07 23.23
C SER C 32 19.57 -30.05 22.52
N SER C 33 18.65 -29.55 21.70
CA SER C 33 17.65 -30.35 20.95
C SER C 33 18.28 -30.92 19.66
N ALA C 34 19.23 -30.24 19.01
CA ALA C 34 19.79 -30.68 17.71
C ALA C 34 20.93 -31.70 17.89
N GLN C 35 21.56 -31.76 19.07
CA GLN C 35 22.89 -32.42 19.22
C GLN C 35 22.80 -33.90 18.78
N ALA C 36 21.80 -34.63 19.21
CA ALA C 36 21.66 -36.05 18.86
C ALA C 36 21.52 -36.18 17.33
N LEU C 37 20.84 -35.24 16.66
CA LEU C 37 20.67 -35.30 15.18
C LEU C 37 22.04 -35.09 14.50
N LEU C 38 22.85 -34.13 14.96
CA LEU C 38 24.19 -33.85 14.37
C LEU C 38 25.08 -35.07 14.53
N ASP C 39 25.07 -35.68 15.73
CA ASP C 39 25.87 -36.88 16.06
C ASP C 39 25.46 -38.03 15.13
N ASP C 40 24.17 -38.29 14.96
CA ASP C 40 23.68 -39.40 14.10
C ASP C 40 24.03 -39.09 12.64
N PHE C 41 23.87 -37.84 12.20
CA PHE C 41 24.27 -37.43 10.83
C PHE C 41 25.76 -37.74 10.59
N ARG C 42 26.63 -37.39 11.54
CA ARG C 42 28.09 -37.65 11.42
C ARG C 42 28.37 -39.16 11.36
N LYS C 43 27.61 -40.01 12.05
CA LYS C 43 27.76 -41.50 11.96
C LYS C 43 27.45 -41.94 10.52
N LEU C 44 26.38 -41.42 9.95
CA LEU C 44 25.91 -41.70 8.57
C LEU C 44 26.96 -41.24 7.55
N TYR C 45 27.50 -40.04 7.73
CA TYR C 45 28.39 -39.37 6.75
C TYR C 45 29.59 -38.80 7.49
N PRO C 46 30.56 -39.65 7.87
CA PRO C 46 31.72 -39.21 8.66
C PRO C 46 32.58 -38.15 7.94
N PHE C 47 32.49 -38.08 6.62
CA PHE C 47 33.36 -37.22 5.76
C PHE C 47 32.79 -35.80 5.65
N ILE C 48 31.70 -35.47 6.34
CA ILE C 48 31.13 -34.09 6.29
C ILE C 48 31.40 -33.42 7.63
N GLN C 49 32.19 -32.34 7.64
CA GLN C 49 32.42 -31.53 8.87
C GLN C 49 31.25 -30.54 9.00
N ILE C 50 30.54 -30.57 10.11
CA ILE C 50 29.31 -29.73 10.29
C ILE C 50 29.65 -28.48 11.09
N GLU C 51 29.21 -27.32 10.60
CA GLU C 51 29.22 -26.05 11.37
C GLU C 51 27.77 -25.69 11.71
N TYR C 52 27.40 -25.91 12.96
CA TYR C 52 26.01 -25.68 13.42
C TYR C 52 25.99 -24.32 14.10
N ASN C 53 25.28 -23.37 13.50
CA ASN C 53 25.15 -22.00 14.05
C ASN C 53 23.77 -21.88 14.70
N ASP C 54 23.71 -21.94 16.03
CA ASP C 54 22.48 -21.78 16.85
C ASP C 54 22.21 -20.27 17.01
N LEU C 55 21.23 -19.72 16.31
CA LEU C 55 21.03 -18.25 16.16
C LEU C 55 19.55 -17.89 16.38
N GLY C 56 19.25 -16.63 16.72
CA GLY C 56 17.84 -16.16 16.81
C GLY C 56 17.19 -16.19 15.43
N THR C 57 15.86 -16.34 15.38
CA THR C 57 15.10 -16.45 14.10
C THR C 57 15.29 -15.16 13.28
N GLN C 58 15.15 -14.00 13.93
CA GLN C 58 15.30 -12.69 13.24
C GLN C 58 16.75 -12.54 12.76
N ALA C 59 17.75 -12.88 13.58
CA ALA C 59 19.20 -12.84 13.23
C ALA C 59 19.49 -13.73 12.01
N ILE C 60 18.95 -14.95 11.96
CA ILE C 60 19.19 -15.85 10.79
C ILE C 60 18.76 -15.12 9.51
N TYR C 61 17.56 -14.54 9.51
CA TYR C 61 16.97 -13.91 8.31
C TYR C 61 17.84 -12.72 7.91
N ASP C 62 18.16 -11.81 8.84
CA ASP C 62 18.95 -10.58 8.57
C ASP C 62 20.35 -10.95 8.05
N ARG C 63 21.05 -11.86 8.70
CA ARG C 63 22.42 -12.27 8.34
C ARG C 63 22.42 -12.97 6.96
N PHE C 64 21.47 -13.86 6.71
CA PHE C 64 21.37 -14.59 5.41
C PHE C 64 21.15 -13.57 4.28
N VAL C 65 20.20 -12.64 4.49
CA VAL C 65 19.85 -11.56 3.51
C VAL C 65 21.09 -10.69 3.25
N SER C 66 21.80 -10.22 4.29
CA SER C 66 22.98 -9.31 4.16
C SER C 66 24.11 -10.03 3.46
N GLU C 67 24.43 -11.27 3.88
CA GLU C 67 25.55 -12.06 3.31
C GLU C 67 25.25 -12.27 1.81
N THR C 68 24.02 -12.63 1.48
CA THR C 68 23.64 -12.92 0.08
C THR C 68 23.76 -11.63 -0.75
N ALA C 69 23.29 -10.48 -0.23
CA ALA C 69 23.34 -9.18 -0.96
C ALA C 69 24.80 -8.78 -1.21
N ALA C 70 25.72 -9.03 -0.26
CA ALA C 70 27.14 -8.63 -0.39
C ALA C 70 27.90 -9.63 -1.25
N GLY C 71 27.26 -10.74 -1.66
CA GLY C 71 27.89 -11.80 -2.45
C GLY C 71 28.78 -12.71 -1.60
N ALA C 72 28.71 -12.62 -0.27
CA ALA C 72 29.66 -13.27 0.66
C ALA C 72 29.28 -14.74 0.90
N SER C 73 30.22 -15.52 1.45
CA SER C 73 29.98 -16.87 1.99
C SER C 73 28.80 -16.83 2.96
N SER C 74 27.80 -17.69 2.77
CA SER C 74 26.66 -17.88 3.70
C SER C 74 26.42 -19.37 3.98
N ALA C 75 25.30 -19.66 4.63
CA ALA C 75 24.88 -21.02 5.04
C ALA C 75 24.56 -21.85 3.79
N ASP C 76 24.73 -23.17 3.92
CA ASP C 76 24.25 -24.18 2.95
C ASP C 76 22.76 -24.44 3.19
N LEU C 77 22.34 -24.48 4.46
CA LEU C 77 20.96 -24.88 4.83
C LEU C 77 20.48 -23.97 5.95
N LEU C 78 19.23 -23.52 5.83
CA LEU C 78 18.54 -22.70 6.86
C LEU C 78 17.43 -23.55 7.49
N TRP C 79 17.38 -23.55 8.81
CA TRP C 79 16.42 -24.38 9.58
C TRP C 79 15.84 -23.50 10.68
N SER C 80 14.60 -23.05 10.56
CA SER C 80 14.06 -22.00 11.47
C SER C 80 12.58 -22.24 11.73
N SER C 81 12.17 -21.92 12.95
CA SER C 81 10.77 -22.00 13.43
C SER C 81 9.99 -20.76 12.96
N ALA C 82 10.66 -19.72 12.47
CA ALA C 82 9.98 -18.46 12.03
C ALA C 82 9.43 -18.69 10.64
N MET C 83 8.27 -19.31 10.58
CA MET C 83 7.74 -19.89 9.33
C MET C 83 7.58 -18.80 8.26
N GLU C 84 7.06 -17.61 8.61
CA GLU C 84 6.85 -16.54 7.59
C GLU C 84 8.20 -16.15 6.98
N LEU C 85 9.26 -16.04 7.79
CA LEU C 85 10.55 -15.55 7.25
C LEU C 85 11.16 -16.63 6.33
N GLN C 86 11.04 -17.90 6.70
CA GLN C 86 11.54 -19.04 5.87
C GLN C 86 10.75 -19.10 4.55
N VAL C 87 9.42 -19.01 4.62
CA VAL C 87 8.56 -19.09 3.41
C VAL C 87 8.87 -17.88 2.52
N LYS C 88 9.10 -16.70 3.12
CA LYS C 88 9.44 -15.46 2.38
C LYS C 88 10.71 -15.71 1.57
N LEU C 89 11.79 -16.17 2.23
CA LEU C 89 13.08 -16.37 1.52
C LEU C 89 12.87 -17.38 0.38
N ALA C 90 12.22 -18.51 0.68
CA ALA C 90 12.15 -19.65 -0.25
C ALA C 90 11.25 -19.30 -1.44
N SER C 91 10.39 -18.28 -1.32
CA SER C 91 9.48 -17.87 -2.42
C SER C 91 10.01 -16.60 -3.11
N GLU C 92 11.27 -16.20 -2.86
CA GLU C 92 11.86 -15.00 -3.50
C GLU C 92 13.19 -15.34 -4.18
N GLY C 93 13.49 -16.63 -4.40
CA GLY C 93 14.65 -17.05 -5.21
C GLY C 93 15.86 -17.36 -4.36
N TYR C 94 15.73 -17.47 -3.04
CA TYR C 94 16.87 -17.85 -2.17
C TYR C 94 17.01 -19.37 -2.00
N ALA C 95 16.06 -20.18 -2.48
CA ALA C 95 16.02 -21.64 -2.24
C ALA C 95 16.52 -22.40 -3.47
N LEU C 96 17.35 -23.43 -3.24
CA LEU C 96 17.72 -24.43 -4.25
C LEU C 96 16.54 -25.39 -4.43
N PRO C 97 15.93 -25.46 -5.63
CA PRO C 97 14.84 -26.41 -5.86
C PRO C 97 15.40 -27.83 -5.73
N TYR C 98 14.79 -28.66 -4.89
CA TYR C 98 15.21 -30.06 -4.65
C TYR C 98 14.01 -30.85 -4.15
N ASP C 99 13.61 -31.84 -4.94
CA ASP C 99 12.57 -32.85 -4.60
C ASP C 99 13.19 -33.92 -3.68
N SER C 100 13.03 -33.78 -2.36
CA SER C 100 13.60 -34.76 -1.41
C SER C 100 12.95 -36.12 -1.64
N PRO C 101 13.72 -37.21 -1.91
CA PRO C 101 13.17 -38.55 -2.00
C PRO C 101 12.62 -39.05 -0.66
N GLU C 102 12.85 -38.31 0.43
CA GLU C 102 12.32 -38.71 1.77
C GLU C 102 10.95 -38.05 2.03
N ALA C 103 10.50 -37.13 1.17
CA ALA C 103 9.29 -36.31 1.43
C ALA C 103 8.12 -36.70 0.52
N LYS C 104 8.14 -37.91 -0.03
CA LYS C 104 7.15 -38.32 -1.05
C LYS C 104 5.73 -38.29 -0.47
N ASN C 105 5.53 -38.55 0.83
CA ASN C 105 4.16 -38.55 1.39
C ASN C 105 3.97 -37.34 2.29
N TRP C 106 4.79 -36.29 2.15
CA TRP C 106 4.53 -34.97 2.78
C TRP C 106 3.23 -34.42 2.21
N PRO C 107 2.28 -33.97 3.05
CA PRO C 107 1.13 -33.22 2.55
C PRO C 107 1.59 -31.95 1.82
N ALA C 108 0.80 -31.50 0.84
CA ALA C 108 1.07 -30.30 -0.01
C ALA C 108 1.22 -29.07 0.89
N ASN C 109 0.50 -29.00 2.00
CA ASN C 109 0.58 -27.84 2.94
C ASN C 109 1.70 -28.04 3.98
N ALA C 110 2.58 -29.02 3.79
CA ALA C 110 3.79 -29.20 4.63
C ALA C 110 5.05 -28.96 3.79
N ARG C 111 4.91 -28.47 2.56
CA ARG C 111 6.06 -28.21 1.68
C ARG C 111 5.70 -27.10 0.69
N LEU C 112 6.68 -26.30 0.29
CA LEU C 112 6.50 -25.22 -0.70
C LEU C 112 6.96 -25.79 -2.04
N GLY C 113 6.18 -26.70 -2.61
CA GLY C 113 6.63 -27.48 -3.77
C GLY C 113 7.96 -28.17 -3.49
N ASN C 114 9.00 -27.88 -4.29
CA ASN C 114 10.37 -28.43 -4.08
C ASN C 114 11.29 -27.37 -3.48
N LEU C 115 10.75 -26.34 -2.84
CA LEU C 115 11.59 -25.18 -2.40
C LEU C 115 11.87 -25.21 -0.89
N ALA C 116 11.00 -25.79 -0.06
CA ALA C 116 11.13 -25.73 1.41
C ALA C 116 10.25 -26.79 2.05
N TYR C 117 10.60 -27.24 3.24
CA TYR C 117 9.94 -28.41 3.83
C TYR C 117 9.70 -28.23 5.32
N SER C 118 8.52 -28.68 5.76
CA SER C 118 8.23 -28.95 7.19
C SER C 118 9.17 -30.05 7.67
N THR C 119 9.78 -29.85 8.83
CA THR C 119 10.62 -30.88 9.49
C THR C 119 10.02 -31.31 10.83
N THR C 120 9.00 -30.62 11.33
CA THR C 120 8.44 -30.84 12.69
C THR C 120 6.96 -30.46 12.70
N LEU C 121 6.26 -30.85 13.76
CA LEU C 121 4.89 -30.39 14.11
C LEU C 121 4.88 -30.13 15.62
N GLU C 122 5.30 -28.92 16.01
CA GLU C 122 5.65 -28.59 17.42
C GLU C 122 4.59 -27.70 18.06
N PRO C 123 3.98 -28.15 19.16
CA PRO C 123 2.88 -27.42 19.78
C PRO C 123 3.41 -26.26 20.61
N ALA C 124 2.62 -25.17 20.65
CA ALA C 124 2.72 -24.10 21.68
C ALA C 124 1.96 -24.56 22.94
N VAL C 125 2.69 -24.71 24.04
CA VAL C 125 2.12 -25.34 25.26
C VAL C 125 2.24 -24.34 26.40
N VAL C 126 1.69 -24.75 27.54
CA VAL C 126 1.89 -24.09 28.85
C VAL C 126 2.96 -24.88 29.62
N VAL C 127 3.97 -24.20 30.14
CA VAL C 127 4.88 -24.81 31.15
C VAL C 127 4.66 -24.10 32.48
N TYR C 128 4.88 -24.81 33.58
CA TYR C 128 4.71 -24.24 34.93
C TYR C 128 5.69 -24.88 35.89
N ASN C 129 5.84 -24.26 37.06
CA ASN C 129 6.65 -24.78 38.18
C ASN C 129 5.72 -25.57 39.12
N LYS C 130 5.91 -26.88 39.20
CA LYS C 130 5.05 -27.79 40.00
C LYS C 130 5.09 -27.46 41.51
N ARG C 131 6.15 -26.81 42.01
CA ARG C 131 6.23 -26.36 43.42
C ARG C 131 5.15 -25.29 43.67
N PHE C 132 4.71 -24.53 42.65
CA PHE C 132 3.83 -23.33 42.84
C PHE C 132 2.45 -23.55 42.21
N LEU C 133 2.35 -24.37 41.16
CA LEU C 133 1.06 -24.78 40.55
C LEU C 133 1.02 -26.31 40.48
N LYS C 134 -0.05 -26.87 41.02
CA LYS C 134 -0.39 -28.30 40.85
C LYS C 134 -1.00 -28.50 39.46
N PRO C 135 -0.80 -29.67 38.83
CA PRO C 135 -1.40 -29.95 37.53
C PRO C 135 -2.88 -29.53 37.44
N GLU C 136 -3.68 -29.76 38.49
CA GLU C 136 -5.14 -29.47 38.48
C GLU C 136 -5.40 -27.95 38.56
N GLU C 137 -4.43 -27.14 39.01
CA GLU C 137 -4.59 -25.66 39.13
C GLU C 137 -4.26 -24.98 37.81
N VAL C 138 -3.72 -25.71 36.83
CA VAL C 138 -3.32 -25.13 35.51
C VAL C 138 -4.43 -25.40 34.50
N PRO C 139 -5.28 -24.42 34.14
CA PRO C 139 -6.36 -24.66 33.20
C PRO C 139 -5.77 -24.93 31.81
N THR C 140 -6.48 -25.72 31.01
CA THR C 140 -6.01 -26.15 29.66
C THR C 140 -6.86 -25.40 28.61
N THR C 141 -7.53 -24.31 28.99
CA THR C 141 -8.23 -23.43 28.03
C THR C 141 -7.74 -21.98 28.18
N ARG C 142 -7.80 -21.21 27.09
CA ARG C 142 -7.52 -19.76 27.09
C ARG C 142 -8.41 -19.01 28.12
N GLU C 143 -9.71 -19.31 28.19
CA GLU C 143 -10.64 -18.62 29.14
C GLU C 143 -10.26 -18.97 30.59
N GLY C 144 -9.95 -20.24 30.87
CA GLY C 144 -9.50 -20.68 32.21
C GLY C 144 -8.19 -20.00 32.60
N LEU C 145 -7.23 -19.91 31.66
CA LEU C 145 -5.95 -19.23 31.92
C LEU C 145 -6.18 -17.74 32.20
N ALA C 146 -7.04 -17.09 31.41
CA ALA C 146 -7.39 -15.67 31.66
C ALA C 146 -7.91 -15.53 33.09
N ARG C 147 -8.73 -16.48 33.54
CA ARG C 147 -9.33 -16.47 34.92
C ARG C 147 -8.20 -16.65 35.95
N LEU C 148 -7.26 -17.61 35.76
CA LEU C 148 -6.16 -17.83 36.74
C LEU C 148 -5.34 -16.53 36.87
N LEU C 149 -5.12 -15.83 35.75
CA LEU C 149 -4.23 -14.63 35.70
C LEU C 149 -4.90 -13.41 36.36
N GLN C 150 -6.18 -13.49 36.76
CA GLN C 150 -6.83 -12.45 37.58
C GLN C 150 -6.30 -12.51 39.01
N GLU C 151 -5.74 -13.64 39.45
CA GLU C 151 -5.37 -13.81 40.88
C GLU C 151 -4.20 -12.90 41.22
N PRO C 152 -4.26 -12.13 42.33
CA PRO C 152 -3.12 -11.31 42.76
C PRO C 152 -1.82 -12.13 42.89
N ARG C 153 -1.91 -13.37 43.36
CA ARG C 153 -0.79 -14.32 43.50
C ARG C 153 -0.08 -14.53 42.15
N MET C 154 -0.77 -14.31 41.03
CA MET C 154 -0.19 -14.57 39.71
C MET C 154 0.47 -13.31 39.15
N ARG C 155 0.37 -12.16 39.80
CA ARG C 155 0.90 -10.89 39.25
C ARG C 155 2.42 -11.00 39.25
N GLY C 156 3.07 -10.81 38.11
CA GLY C 156 4.54 -10.97 37.98
C GLY C 156 5.00 -12.42 37.85
N ARG C 157 4.06 -13.37 37.78
CA ARG C 157 4.40 -14.81 37.77
C ARG C 157 4.11 -15.46 36.41
N VAL C 158 4.01 -14.68 35.34
CA VAL C 158 3.66 -15.19 33.98
C VAL C 158 4.75 -14.75 33.00
N ALA C 159 5.16 -15.65 32.12
CA ALA C 159 6.04 -15.36 30.97
C ALA C 159 5.29 -15.65 29.67
N THR C 160 5.51 -14.87 28.63
CA THR C 160 5.12 -15.25 27.25
C THR C 160 6.12 -14.63 26.26
N TRP C 161 5.85 -14.83 24.99
CA TRP C 161 6.69 -14.33 23.89
C TRP C 161 6.67 -12.80 23.84
N ASP C 162 7.78 -12.20 23.43
CA ASP C 162 7.75 -10.82 22.85
C ASP C 162 7.71 -10.99 21.34
N PRO C 163 6.53 -10.76 20.70
CA PRO C 163 6.38 -10.97 19.25
C PRO C 163 7.08 -9.88 18.44
N GLU C 164 7.61 -8.83 19.07
CA GLU C 164 8.43 -7.81 18.38
C GLU C 164 9.91 -8.17 18.37
N ARG C 165 10.39 -9.11 19.20
CA ARG C 165 11.84 -9.44 19.24
C ARG C 165 12.09 -10.89 18.83
N SER C 166 11.08 -11.76 18.82
CA SER C 166 11.18 -13.15 18.31
C SER C 166 10.27 -13.27 17.10
N ALA C 167 10.80 -13.62 15.94
CA ALA C 167 9.96 -13.78 14.73
C ALA C 167 9.03 -14.99 14.93
N VAL C 168 9.45 -16.04 15.65
CA VAL C 168 8.57 -17.23 15.91
C VAL C 168 7.55 -16.90 17.02
N GLY C 169 7.93 -16.06 17.99
CA GLY C 169 6.96 -15.49 18.94
C GLY C 169 5.81 -14.89 18.16
N PHE C 170 6.10 -14.10 17.14
CA PHE C 170 5.10 -13.49 16.23
C PHE C 170 4.31 -14.61 15.54
N THR C 171 5.01 -15.56 14.94
CA THR C 171 4.37 -16.70 14.24
C THR C 171 3.33 -17.34 15.18
N ILE C 172 3.74 -17.64 16.41
CA ILE C 172 2.85 -18.38 17.35
C ILE C 172 1.68 -17.50 17.80
N LEU C 173 1.96 -16.30 18.31
CA LEU C 173 0.92 -15.43 18.90
C LEU C 173 -0.01 -14.92 17.79
N LYS C 174 0.49 -14.64 16.58
CA LYS C 174 -0.34 -14.19 15.43
C LYS C 174 -1.33 -15.31 15.08
N ALA C 175 -0.85 -16.55 14.96
CA ALA C 175 -1.72 -17.71 14.65
C ALA C 175 -2.75 -17.89 15.78
N ASP C 176 -2.35 -17.71 17.04
CA ASP C 176 -3.27 -17.81 18.20
C ASP C 176 -4.37 -16.74 18.06
N TYR C 177 -3.95 -15.49 17.87
CA TYR C 177 -4.83 -14.32 17.66
C TYR C 177 -5.79 -14.58 16.49
N ASP C 178 -5.29 -15.09 15.36
CA ASP C 178 -6.14 -15.31 14.15
C ASP C 178 -7.20 -16.39 14.44
N ARG C 179 -6.86 -17.47 15.14
CA ARG C 179 -7.70 -18.71 15.15
C ARG C 179 -8.60 -18.76 16.38
N PHE C 180 -8.22 -18.18 17.52
CA PHE C 180 -8.92 -18.40 18.81
C PHE C 180 -9.38 -17.05 19.34
N PRO C 181 -10.68 -16.70 19.20
CA PRO C 181 -11.19 -15.47 19.81
C PRO C 181 -10.79 -15.30 21.28
N ALA C 182 -10.80 -16.39 22.06
CA ALA C 182 -10.49 -16.40 23.52
C ALA C 182 -9.05 -15.88 23.77
N PHE C 183 -8.18 -15.89 22.75
CA PHE C 183 -6.81 -15.33 22.88
C PHE C 183 -6.89 -13.86 23.31
N GLN C 184 -7.90 -13.12 22.87
CA GLN C 184 -8.01 -11.67 23.21
C GLN C 184 -8.19 -11.46 24.72
N GLU C 185 -9.11 -12.20 25.32
CA GLU C 185 -9.33 -12.24 26.79
C GLU C 185 -8.00 -12.63 27.47
N LEU C 186 -7.31 -13.64 26.95
CA LEU C 186 -6.03 -14.07 27.55
C LEU C 186 -4.98 -12.94 27.50
N ALA C 187 -4.85 -12.27 26.36
CA ALA C 187 -3.82 -11.22 26.16
C ALA C 187 -4.07 -10.08 27.15
N ARG C 188 -5.33 -9.71 27.39
CA ARG C 188 -5.68 -8.66 28.39
C ARG C 188 -5.24 -9.18 29.77
N ALA C 189 -5.46 -10.47 30.07
CA ALA C 189 -5.04 -11.06 31.36
C ALA C 189 -3.49 -11.07 31.45
N PHE C 190 -2.76 -11.13 30.33
CA PHE C 190 -1.27 -10.95 30.37
C PHE C 190 -0.98 -9.54 30.92
N GLY C 191 -1.72 -8.54 30.43
CA GLY C 191 -1.68 -7.16 30.96
C GLY C 191 -2.01 -7.11 32.45
N LYS C 192 -3.13 -7.68 32.84
CA LYS C 192 -3.55 -7.72 34.27
C LYS C 192 -2.40 -8.31 35.12
N ALA C 193 -1.82 -9.44 34.71
CA ALA C 193 -0.83 -10.17 35.54
C ALA C 193 0.52 -9.43 35.43
N GLN C 194 0.68 -8.57 34.39
CA GLN C 194 1.96 -7.95 33.92
C GLN C 194 2.89 -9.11 33.62
N ALA C 195 2.51 -9.90 32.62
CA ALA C 195 3.36 -10.90 31.95
C ALA C 195 4.69 -10.32 31.43
N ALA C 196 5.82 -10.86 31.87
CA ALA C 196 7.15 -10.58 31.27
C ALA C 196 7.26 -11.23 29.89
N LEU C 197 7.86 -10.53 28.91
CA LEU C 197 7.92 -10.99 27.50
C LEU C 197 9.36 -11.34 27.17
N TYR C 198 9.58 -12.50 26.52
CA TYR C 198 10.93 -13.04 26.28
C TYR C 198 11.13 -13.29 24.79
N SER C 199 12.37 -13.13 24.33
CA SER C 199 12.73 -13.34 22.91
C SER C 199 13.20 -14.79 22.70
N SER C 200 13.24 -15.61 23.76
CA SER C 200 13.70 -17.00 23.65
C SER C 200 13.07 -17.88 24.75
N THR C 201 12.86 -19.14 24.42
CA THR C 201 12.29 -20.14 25.33
C THR C 201 13.17 -20.24 26.57
N GLY C 202 14.48 -20.26 26.42
CA GLY C 202 15.43 -20.49 27.54
C GLY C 202 15.33 -19.39 28.58
N ALA C 203 15.10 -18.16 28.15
CA ALA C 203 15.04 -17.03 29.10
C ALA C 203 13.74 -17.20 29.93
N ALA C 204 12.65 -17.59 29.30
CA ALA C 204 11.37 -17.84 30.02
C ALA C 204 11.54 -19.02 30.97
N PHE C 205 12.06 -20.14 30.47
CA PHE C 205 12.18 -21.40 31.25
C PHE C 205 13.03 -21.18 32.50
N GLU C 206 14.11 -20.39 32.38
CA GLU C 206 15.06 -20.12 33.49
C GLU C 206 14.24 -19.56 34.67
N LYS C 207 13.34 -18.62 34.39
CA LYS C 207 12.59 -17.89 35.44
C LYS C 207 11.46 -18.78 35.99
N VAL C 208 10.83 -19.62 35.18
CA VAL C 208 9.82 -20.60 35.68
C VAL C 208 10.51 -21.62 36.62
N ILE C 209 11.69 -22.10 36.22
CA ILE C 209 12.43 -23.10 37.04
C ILE C 209 12.89 -22.49 38.37
N SER C 210 13.35 -21.23 38.39
CA SER C 210 13.75 -20.56 39.66
C SER C 210 12.52 -20.26 40.52
N GLY C 211 11.34 -20.10 39.92
CA GLY C 211 10.09 -19.66 40.61
C GLY C 211 9.82 -18.17 40.50
N GLU C 212 10.70 -17.40 39.88
CA GLU C 212 10.47 -15.95 39.60
C GLU C 212 9.16 -15.81 38.80
N HIS C 213 8.89 -16.74 37.87
CA HIS C 213 7.57 -16.96 37.22
C HIS C 213 7.08 -18.37 37.58
N TYR C 214 5.77 -18.55 37.61
CA TYR C 214 5.11 -19.84 37.94
C TYR C 214 4.67 -20.52 36.64
N LEU C 215 4.47 -19.75 35.55
CA LEU C 215 3.77 -20.22 34.33
C LEU C 215 4.35 -19.49 33.11
N ALA C 216 4.55 -20.18 32.00
CA ALA C 216 4.94 -19.61 30.70
C ALA C 216 3.97 -20.13 29.62
N TYR C 217 3.45 -19.20 28.81
CA TYR C 217 2.48 -19.48 27.72
C TYR C 217 3.14 -19.35 26.35
N GLY C 218 2.99 -20.40 25.55
CA GLY C 218 3.19 -20.33 24.09
C GLY C 218 4.53 -20.89 23.65
N PHE C 219 5.36 -21.40 24.55
CA PHE C 219 6.72 -21.93 24.21
C PHE C 219 6.62 -23.38 23.72
N PHE C 220 7.70 -23.83 23.08
CA PHE C 220 7.75 -25.11 22.34
C PHE C 220 7.63 -26.29 23.30
N GLY C 221 6.68 -27.19 23.01
CA GLY C 221 6.57 -28.49 23.69
C GLY C 221 7.89 -29.25 23.63
N SER C 222 8.61 -29.16 22.50
CA SER C 222 9.89 -29.86 22.27
C SER C 222 10.87 -29.52 23.41
N TYR C 223 11.06 -28.21 23.66
CA TYR C 223 12.03 -27.72 24.65
C TYR C 223 11.51 -28.07 26.04
N ALA C 224 10.20 -28.00 26.27
CA ALA C 224 9.62 -28.33 27.59
C ALA C 224 9.93 -29.81 27.94
N LEU C 225 9.65 -30.74 27.02
CA LEU C 225 9.90 -32.19 27.21
C LEU C 225 11.39 -32.42 27.51
N LEU C 226 12.28 -31.79 26.75
CA LEU C 226 13.75 -32.00 26.91
C LEU C 226 14.15 -31.45 28.29
N ARG C 227 13.62 -30.29 28.68
CA ARG C 227 14.00 -29.69 29.97
C ARG C 227 13.50 -30.56 31.14
N GLN C 228 12.33 -31.18 31.02
CA GLN C 228 11.73 -32.09 32.04
C GLN C 228 12.73 -33.22 32.41
N ARG C 229 13.53 -33.71 31.47
CA ARG C 229 14.47 -34.82 31.74
C ARG C 229 15.48 -34.45 32.84
N THR C 230 15.84 -33.17 32.95
CA THR C 230 16.85 -32.69 33.94
C THR C 230 16.18 -31.89 35.07
N VAL C 231 14.92 -31.49 34.94
CA VAL C 231 14.22 -30.59 35.91
C VAL C 231 12.86 -31.21 36.26
N LYS C 232 12.79 -31.88 37.41
CA LYS C 232 11.59 -32.54 37.99
C LYS C 232 10.43 -31.53 38.19
N ASP C 233 10.70 -30.27 38.49
CA ASP C 233 9.64 -29.28 38.86
C ASP C 233 8.96 -28.67 37.62
N LEU C 234 9.44 -28.99 36.41
CA LEU C 234 8.89 -28.32 35.21
C LEU C 234 7.67 -29.11 34.73
N GLY C 235 6.48 -28.52 34.81
CA GLY C 235 5.23 -29.11 34.31
C GLY C 235 4.90 -28.62 32.90
N ILE C 236 4.19 -29.44 32.13
CA ILE C 236 3.62 -29.11 30.80
C ILE C 236 2.12 -29.35 30.86
N ALA C 237 1.33 -28.38 30.39
CA ALA C 237 -0.11 -28.55 30.12
C ALA C 237 -0.33 -28.27 28.64
N TYR C 238 -1.08 -29.16 28.01
CA TYR C 238 -1.50 -29.04 26.59
C TYR C 238 -2.89 -28.39 26.56
N LEU C 239 -3.10 -27.41 25.69
CA LEU C 239 -4.40 -26.71 25.54
C LEU C 239 -5.43 -27.61 24.84
N THR C 240 -6.60 -27.80 25.44
CA THR C 240 -7.68 -28.71 24.96
C THR C 240 -8.74 -27.91 24.19
N ASP C 241 -8.69 -26.57 24.21
CA ASP C 241 -9.63 -25.70 23.43
C ASP C 241 -9.00 -25.42 22.06
N GLY C 242 -7.77 -25.86 21.81
CA GLY C 242 -7.09 -25.56 20.54
C GLY C 242 -5.63 -25.29 20.75
N THR C 243 -4.77 -26.00 20.03
CA THR C 243 -3.30 -25.83 20.11
C THR C 243 -2.79 -25.34 18.74
N VAL C 244 -1.91 -24.33 18.78
CA VAL C 244 -1.12 -23.87 17.62
C VAL C 244 0.08 -24.82 17.47
N ALA C 245 0.35 -25.31 16.26
CA ALA C 245 1.59 -26.07 15.98
C ALA C 245 2.38 -25.35 14.89
N ILE C 246 3.64 -25.08 15.17
CA ILE C 246 4.61 -24.54 14.16
C ILE C 246 5.28 -25.74 13.49
N GLN C 247 5.70 -25.56 12.23
CA GLN C 247 6.52 -26.53 11.47
C GLN C 247 7.85 -25.84 11.19
N ARG C 248 8.93 -26.30 11.82
CA ARG C 248 10.28 -25.77 11.51
C ARG C 248 10.53 -25.99 10.03
N VAL C 249 10.87 -24.94 9.30
CA VAL C 249 11.02 -25.01 7.83
C VAL C 249 12.51 -25.11 7.53
N ALA C 250 12.87 -26.09 6.70
CA ALA C 250 14.23 -26.21 6.16
C ALA C 250 14.20 -25.92 4.66
N PHE C 251 15.22 -25.20 4.19
CA PHE C 251 15.47 -25.08 2.74
C PHE C 251 16.98 -24.95 2.53
N ILE C 252 17.39 -25.29 1.31
CA ILE C 252 18.82 -25.24 0.88
C ILE C 252 19.04 -23.89 0.21
N ASN C 253 20.13 -23.22 0.60
CA ASN C 253 20.58 -21.96 -0.02
C ASN C 253 20.83 -22.26 -1.50
N LYS C 254 20.12 -21.57 -2.38
CA LYS C 254 20.40 -21.62 -3.83
C LYS C 254 21.89 -21.37 -4.05
N ARG C 255 22.55 -20.49 -3.28
CA ARG C 255 23.98 -20.13 -3.50
C ARG C 255 24.90 -20.92 -2.56
N ALA C 256 24.42 -22.02 -1.97
CA ALA C 256 25.21 -22.93 -1.11
C ALA C 256 26.53 -23.27 -1.80
N ALA C 257 27.65 -23.10 -1.11
CA ALA C 257 28.96 -23.62 -1.54
C ALA C 257 28.93 -25.15 -1.45
N HIS C 258 28.12 -25.72 -0.55
CA HIS C 258 28.01 -27.18 -0.33
C HIS C 258 26.58 -27.67 -0.50
N PRO C 259 25.98 -27.55 -1.71
CA PRO C 259 24.59 -27.95 -1.93
C PRO C 259 24.34 -29.44 -1.70
N ASN C 260 25.29 -30.32 -2.01
CA ASN C 260 25.06 -31.78 -1.94
C ASN C 260 25.04 -32.20 -0.47
N ALA C 261 25.91 -31.62 0.35
CA ALA C 261 25.93 -31.90 1.79
C ALA C 261 24.59 -31.41 2.38
N ALA C 262 24.09 -30.26 1.92
CA ALA C 262 22.79 -29.71 2.38
C ALA C 262 21.66 -30.69 1.99
N LYS C 263 21.71 -31.25 0.78
CA LYS C 263 20.71 -32.26 0.32
C LYS C 263 20.68 -33.45 1.30
N LEU C 264 21.85 -34.00 1.62
CA LEU C 264 21.99 -35.17 2.51
C LEU C 264 21.37 -34.82 3.88
N PHE C 265 21.65 -33.63 4.41
CA PHE C 265 21.14 -33.22 5.75
C PHE C 265 19.62 -33.05 5.70
N LEU C 266 19.10 -32.44 4.64
CA LEU C 266 17.65 -32.20 4.50
C LEU C 266 16.94 -33.57 4.45
N ASP C 267 17.44 -34.48 3.60
CA ASP C 267 16.91 -35.87 3.46
C ASP C 267 16.97 -36.54 4.83
N TYR C 268 18.07 -36.40 5.55
CA TYR C 268 18.24 -37.02 6.88
C TYR C 268 17.12 -36.52 7.81
N LEU C 269 16.92 -35.19 7.87
CA LEU C 269 15.89 -34.57 8.75
C LEU C 269 14.51 -35.16 8.42
N LEU C 270 14.20 -35.39 7.14
CA LEU C 270 12.85 -35.82 6.68
C LEU C 270 12.68 -37.34 6.79
N SER C 271 13.80 -38.09 6.82
CA SER C 271 13.83 -39.57 6.83
C SER C 271 13.13 -40.12 8.08
N LEU C 272 12.71 -41.38 8.01
CA LEU C 272 12.25 -42.15 9.19
C LEU C 272 13.31 -42.10 10.29
N ARG C 273 14.56 -42.34 9.93
CA ARG C 273 15.67 -42.39 10.90
C ARG C 273 15.73 -41.05 11.67
N GLY C 274 15.71 -39.92 10.94
CA GLY C 274 15.84 -38.59 11.55
C GLY C 274 14.63 -38.24 12.39
N GLN C 275 13.44 -38.55 11.88
CA GLN C 275 12.17 -38.22 12.58
C GLN C 275 12.05 -39.09 13.84
N ASN C 276 12.52 -40.33 13.78
CA ASN C 276 12.46 -41.24 14.95
C ASN C 276 13.41 -40.71 16.04
N LEU C 277 14.61 -40.29 15.64
CA LEU C 277 15.58 -39.69 16.60
C LEU C 277 14.98 -38.41 17.21
N MET C 278 14.27 -37.60 16.42
CA MET C 278 13.55 -36.41 16.96
C MET C 278 12.59 -36.86 18.06
N ALA C 279 11.77 -37.86 17.76
CA ALA C 279 10.61 -38.24 18.61
C ALA C 279 11.12 -38.85 19.92
N TYR C 280 12.23 -39.58 19.85
CA TYR C 280 12.63 -40.50 20.94
C TYR C 280 13.67 -39.83 21.86
N THR C 281 14.64 -39.15 21.27
CA THR C 281 15.94 -38.78 21.90
C THR C 281 16.09 -37.26 21.99
N ALA C 282 15.88 -36.52 20.90
CA ALA C 282 15.94 -35.05 20.91
C ALA C 282 14.70 -34.49 21.61
N LEU C 283 13.58 -35.24 21.61
CA LEU C 283 12.23 -34.80 22.02
C LEU C 283 11.83 -33.53 21.25
N ILE C 284 12.13 -33.49 19.96
CA ILE C 284 11.51 -32.57 18.95
C ILE C 284 10.25 -33.26 18.40
N PHE C 285 9.10 -32.63 18.53
CA PHE C 285 7.83 -33.19 18.02
C PHE C 285 7.97 -33.39 16.50
N ALA C 286 7.96 -34.63 16.04
CA ALA C 286 8.22 -35.00 14.62
C ALA C 286 7.04 -34.61 13.74
N ARG C 287 7.30 -34.48 12.45
CA ARG C 287 6.30 -34.27 11.37
C ARG C 287 5.73 -35.62 10.91
N ARG C 288 6.54 -36.67 10.83
CA ARG C 288 6.07 -37.97 10.29
C ARG C 288 5.12 -38.61 11.29
N GLU C 289 4.03 -39.19 10.80
CA GLU C 289 3.03 -39.84 11.68
C GLU C 289 3.53 -41.24 12.05
N THR C 290 4.37 -41.88 11.22
CA THR C 290 5.05 -43.17 11.53
C THR C 290 6.33 -42.91 12.33
N VAL C 291 6.21 -42.53 13.60
CA VAL C 291 7.34 -42.27 14.53
C VAL C 291 6.79 -42.50 15.96
N VAL C 292 7.54 -43.16 16.84
CA VAL C 292 6.99 -43.70 18.13
C VAL C 292 7.80 -43.17 19.30
N GLY C 293 7.11 -42.66 20.33
CA GLY C 293 7.71 -41.84 21.39
C GLY C 293 6.70 -40.83 21.89
N GLU C 294 7.12 -39.94 22.79
CA GLU C 294 6.25 -38.93 23.44
C GLU C 294 6.24 -37.65 22.59
N ALA C 295 7.27 -37.36 21.77
CA ALA C 295 7.24 -36.19 20.88
C ALA C 295 6.80 -36.60 19.47
N THR C 296 5.54 -37.01 19.27
CA THR C 296 4.98 -37.40 17.93
C THR C 296 3.65 -36.70 17.68
N PRO C 297 3.18 -36.57 16.43
CA PRO C 297 1.80 -36.15 16.15
C PRO C 297 0.74 -36.96 16.90
N GLN C 298 0.84 -38.29 16.88
CA GLN C 298 -0.07 -39.23 17.62
C GLN C 298 -0.13 -38.80 19.11
N ALA C 299 1.01 -38.55 19.76
CA ALA C 299 1.03 -38.14 21.18
C ALA C 299 0.42 -36.74 21.33
N LEU C 300 0.70 -35.84 20.41
CA LEU C 300 0.15 -34.45 20.47
C LEU C 300 -1.39 -34.51 20.38
N TYR C 301 -1.90 -35.24 19.39
CA TYR C 301 -3.36 -35.38 19.11
C TYR C 301 -4.04 -35.99 20.35
N LYS C 302 -3.40 -36.97 20.97
CA LYS C 302 -3.97 -37.62 22.17
C LYS C 302 -4.02 -36.59 23.30
N ALA C 303 -2.98 -35.77 23.49
CA ALA C 303 -2.89 -34.80 24.62
C ALA C 303 -3.95 -33.70 24.47
N VAL C 304 -4.27 -33.26 23.24
CA VAL C 304 -5.15 -32.07 23.03
C VAL C 304 -6.61 -32.51 22.85
N GLY C 305 -6.89 -33.80 22.67
CA GLY C 305 -8.27 -34.31 22.48
C GLY C 305 -8.64 -34.39 21.01
N GLY C 306 -7.64 -34.46 20.12
CA GLY C 306 -7.83 -34.89 18.73
C GLY C 306 -7.14 -33.98 17.75
N LYS C 307 -6.80 -34.49 16.56
CA LYS C 307 -6.16 -33.75 15.45
C LYS C 307 -6.91 -32.44 15.15
N ASP C 308 -8.24 -32.45 15.16
CA ASP C 308 -9.11 -31.27 14.87
C ASP C 308 -8.85 -30.14 15.88
N LYS C 309 -8.23 -30.41 17.04
CA LYS C 309 -7.95 -29.38 18.07
C LYS C 309 -6.54 -28.80 17.86
N VAL C 310 -5.83 -29.24 16.82
CA VAL C 310 -4.52 -28.65 16.41
C VAL C 310 -4.74 -27.80 15.17
N TYR C 311 -4.35 -26.52 15.23
CA TYR C 311 -4.10 -25.69 14.03
C TYR C 311 -2.62 -25.77 13.68
N ALA C 312 -2.33 -26.55 12.64
CA ALA C 312 -0.99 -26.70 12.05
C ALA C 312 -0.80 -25.56 11.06
N ILE C 313 0.08 -24.60 11.36
CA ILE C 313 0.40 -23.48 10.44
C ILE C 313 1.00 -24.09 9.17
N PRO C 314 0.41 -23.81 7.99
CA PRO C 314 0.88 -24.40 6.74
C PRO C 314 2.23 -23.84 6.28
N VAL C 315 3.02 -24.69 5.66
CA VAL C 315 4.21 -24.24 4.89
C VAL C 315 3.70 -23.82 3.52
N SER C 316 3.25 -22.58 3.42
CA SER C 316 2.53 -22.02 2.24
C SER C 316 2.82 -20.52 2.12
N THR C 317 2.87 -19.96 0.90
CA THR C 317 2.95 -18.50 0.66
C THR C 317 1.68 -17.81 1.20
N GLU C 318 0.59 -18.54 1.47
CA GLU C 318 -0.64 -17.91 2.05
C GLU C 318 -0.30 -17.24 3.39
N ILE C 319 0.66 -17.75 4.16
CA ILE C 319 0.96 -17.21 5.51
C ILE C 319 1.76 -15.90 5.39
N LEU C 320 2.19 -15.49 4.21
CA LEU C 320 2.91 -14.19 4.04
C LEU C 320 1.94 -13.03 4.27
N LYS C 321 0.64 -13.32 4.32
CA LYS C 321 -0.34 -12.28 4.69
C LYS C 321 -0.01 -11.76 6.10
N ASN C 322 0.57 -12.60 6.97
CA ASN C 322 0.97 -12.18 8.34
C ASN C 322 2.05 -11.08 8.29
N LEU C 323 2.80 -10.94 7.19
CA LEU C 323 3.83 -9.87 7.03
C LEU C 323 3.25 -8.61 6.38
N ASP C 324 2.00 -8.64 5.90
CA ASP C 324 1.36 -7.45 5.29
C ASP C 324 1.34 -6.32 6.31
N PRO C 325 1.64 -5.06 5.93
CA PRO C 325 1.48 -3.90 6.81
C PRO C 325 0.19 -3.83 7.66
N ALA C 326 -0.98 -3.97 7.01
CA ALA C 326 -2.30 -3.83 7.69
C ALA C 326 -2.47 -4.98 8.70
N GLU C 327 -1.96 -6.16 8.37
CA GLU C 327 -2.15 -7.37 9.20
C GLU C 327 -1.19 -7.28 10.41
N ARG C 328 0.05 -6.81 10.24
CA ARG C 328 0.96 -6.57 11.39
C ARG C 328 0.38 -5.45 12.25
N MET C 329 -0.22 -4.40 11.66
CA MET C 329 -0.86 -3.30 12.43
C MET C 329 -1.97 -3.87 13.32
N ARG C 330 -2.91 -4.62 12.74
CA ARG C 330 -4.06 -5.25 13.48
C ARG C 330 -3.52 -5.97 14.72
N PHE C 331 -2.60 -6.90 14.50
CA PHE C 331 -2.09 -7.81 15.55
C PHE C 331 -1.34 -6.97 16.59
N LEU C 332 -0.35 -6.20 16.16
CA LEU C 332 0.54 -5.50 17.13
C LEU C 332 -0.24 -4.40 17.86
N THR C 333 -1.16 -3.68 17.20
CA THR C 333 -1.89 -2.60 17.91
C THR C 333 -2.67 -3.27 19.06
N PHE C 334 -3.33 -4.39 18.77
CA PHE C 334 -4.16 -5.08 19.78
C PHE C 334 -3.27 -5.61 20.90
N TRP C 335 -2.15 -6.24 20.51
CA TRP C 335 -1.20 -6.91 21.44
C TRP C 335 -0.61 -5.88 22.42
N ARG C 336 -0.04 -4.80 21.89
CA ARG C 336 0.66 -3.77 22.70
C ARG C 336 -0.34 -3.12 23.68
N GLN C 337 -1.56 -2.84 23.25
CA GLN C 337 -2.60 -2.26 24.14
C GLN C 337 -2.96 -3.29 25.23
N ALA C 338 -3.15 -4.57 24.87
CA ALA C 338 -3.68 -5.60 25.80
C ALA C 338 -2.69 -5.89 26.95
N VAL C 339 -1.39 -6.00 26.63
CA VAL C 339 -0.37 -6.49 27.58
C VAL C 339 0.32 -5.34 28.33
N ARG C 340 0.00 -4.08 28.00
CA ARG C 340 0.46 -2.83 28.65
C ARG C 340 0.19 -2.83 30.15
#